data_2O4V
#
_entry.id   2O4V
#
_cell.length_a   255.130
_cell.length_b   142.769
_cell.length_c   62.025
_cell.angle_alpha   90.00
_cell.angle_beta   99.49
_cell.angle_gamma   90.00
#
_symmetry.space_group_name_H-M   'C 1 2 1'
#
loop_
_entity.id
_entity.type
_entity.pdbx_description
1 polymer 'Porin P'
2 non-polymer 'CALCIUM ION'
3 non-polymer 'PHOSPHATE ION'
4 non-polymer 'CHLORIDE ION'
5 non-polymer (HYDROXYETHYLOXY)TRI(ETHYLOXY)OCTANE
6 non-polymer GLYCEROL
7 water water
#
_entity_poly.entity_id   1
_entity_poly.type   'polypeptide(L)'
_entity_poly.pdbx_seq_one_letter_code
;GTVTTDGADIVIKTKGGLEVATTDKEFSFKLGGRLQADYGRFDGYYTNNGNTADAAYFRRAYLEFGGTAYRDWKYQINYD
LSRNVGNDSAGYFDEASVTYTGFNPVNLKFGRFYTDFGLEKATSSKWVTALERNLTYDIADWVNDNVGTGIQASSVVGGM
AFLSGSVFSENNNDTDGDSVKRYNLRGVFAPLHEPGNVVHLGLQYAYRDLEDSAVDTRIRPRMGMRGVSTNGGNDAGSNG
NRGLFGGSSAVEGLWKDDSVWGLEGAWALGAFSAQAEYLRRTVKAERDREDLKASGYYAQLAYTLTGEPRLYKLDGAKFD
TIKPENKEIGAWELFYRYDSIKVEDDNIVVDSATREVGDAKGKTHTLGVNWYANEAVKVSANYVKAKTDKISNANGDDSG
DGLVMRLQYVF
;
_entity_poly.pdbx_strand_id   A,B,C
#
loop_
_chem_comp.id
_chem_comp.type
_chem_comp.name
_chem_comp.formula
C8E non-polymer (HYDROXYETHYLOXY)TRI(ETHYLOXY)OCTANE 'C16 H34 O5'
CA non-polymer 'CALCIUM ION' 'Ca 2'
CL non-polymer 'CHLORIDE ION' 'Cl -1'
GOL non-polymer GLYCEROL 'C3 H8 O3'
PO4 non-polymer 'PHOSPHATE ION' 'O4 P -3'
#
# COMPACT_ATOMS: atom_id res chain seq x y z
N GLY A 1 -14.71 28.90 16.33
CA GLY A 1 -14.95 29.46 14.97
C GLY A 1 -16.04 28.72 14.22
N THR A 2 -16.43 29.28 13.08
CA THR A 2 -17.48 28.68 12.26
C THR A 2 -16.92 27.65 11.28
N VAL A 3 -17.81 26.84 10.73
CA VAL A 3 -17.48 25.94 9.62
C VAL A 3 -18.49 26.21 8.52
N THR A 4 -17.98 26.69 7.39
CA THR A 4 -18.84 27.03 6.24
C THR A 4 -18.28 26.38 4.97
N THR A 5 -19.00 26.59 3.88
CA THR A 5 -18.57 26.12 2.56
C THR A 5 -18.91 27.18 1.51
N ASP A 6 -18.19 27.19 0.39
CA ASP A 6 -18.45 28.20 -0.64
C ASP A 6 -19.41 27.71 -1.74
N GLY A 7 -19.71 26.42 -1.72
CA GLY A 7 -20.66 25.84 -2.67
C GLY A 7 -21.99 25.59 -2.00
N ALA A 8 -22.69 24.54 -2.45
CA ALA A 8 -23.97 24.15 -1.87
C ALA A 8 -23.80 23.68 -0.41
N ASP A 9 -24.87 23.80 0.37
CA ASP A 9 -24.91 23.33 1.76
C ASP A 9 -24.39 21.91 1.89
N ILE A 10 -23.69 21.64 3.00
CA ILE A 10 -23.06 20.35 3.22
C ILE A 10 -23.53 19.71 4.52
N VAL A 11 -23.75 18.40 4.50
CA VAL A 11 -24.00 17.62 5.70
C VAL A 11 -22.80 16.71 5.93
N ILE A 12 -22.29 16.72 7.16
CA ILE A 12 -21.17 15.86 7.54
C ILE A 12 -21.65 14.84 8.56
N LYS A 13 -21.12 13.62 8.48
CA LYS A 13 -21.47 12.56 9.41
C LYS A 13 -20.21 11.79 9.82
N THR A 14 -20.19 11.29 11.05
CA THR A 14 -19.17 10.32 11.48
C THR A 14 -19.73 9.24 12.40
N LYS A 15 -19.41 8.00 12.08
CA LYS A 15 -19.64 6.88 12.98
C LYS A 15 -18.33 6.12 13.20
N GLY A 16 -17.22 6.86 13.15
CA GLY A 16 -15.87 6.27 13.19
C GLY A 16 -15.11 6.56 11.91
N GLY A 17 -15.84 6.80 10.81
CA GLY A 17 -15.27 7.19 9.54
C GLY A 17 -15.72 8.59 9.20
N LEU A 18 -15.87 8.89 7.91
CA LEU A 18 -16.34 10.23 7.53
C LEU A 18 -17.21 10.23 6.28
N GLU A 19 -18.28 11.00 6.31
CA GLU A 19 -19.07 11.30 5.14
C GLU A 19 -19.28 12.81 5.05
N VAL A 20 -19.15 13.35 3.85
CA VAL A 20 -19.37 14.77 3.55
C VAL A 20 -20.14 14.82 2.24
N ALA A 21 -21.30 15.46 2.24
CA ALA A 21 -22.16 15.49 1.04
C ALA A 21 -22.91 16.80 0.91
N THR A 22 -23.01 17.29 -0.32
CA THR A 22 -23.86 18.47 -0.60
C THR A 22 -25.32 18.03 -0.63
N THR A 23 -26.21 18.90 -0.14
CA THR A 23 -27.62 18.53 0.04
C THR A 23 -28.39 18.46 -1.28
N ASP A 24 -27.78 18.97 -2.36
CA ASP A 24 -28.40 18.90 -3.68
C ASP A 24 -28.07 17.59 -4.41
N LYS A 25 -27.34 16.71 -3.73
CA LYS A 25 -26.96 15.37 -4.21
C LYS A 25 -25.90 15.38 -5.32
N GLU A 26 -25.27 16.53 -5.53
CA GLU A 26 -24.32 16.70 -6.63
C GLU A 26 -22.91 16.17 -6.30
N PHE A 27 -22.45 16.43 -5.07
CA PHE A 27 -21.11 16.02 -4.65
C PHE A 27 -21.13 15.29 -3.31
N SER A 28 -20.27 14.28 -3.17
CA SER A 28 -20.11 13.59 -1.89
C SER A 28 -18.75 12.90 -1.78
N PHE A 29 -18.33 12.69 -0.53
CA PHE A 29 -17.14 11.91 -0.21
C PHE A 29 -17.43 11.03 0.99
N LYS A 30 -16.96 9.78 0.94
CA LYS A 30 -17.09 8.86 2.05
C LYS A 30 -15.78 8.12 2.26
N LEU A 31 -15.23 8.25 3.47
CA LEU A 31 -14.06 7.49 3.87
C LEU A 31 -14.50 6.48 4.93
N GLY A 32 -14.24 5.21 4.65
CA GLY A 32 -14.59 4.15 5.58
C GLY A 32 -13.58 3.03 5.51
N GLY A 33 -13.94 1.90 6.09
CA GLY A 33 -13.07 0.74 6.04
C GLY A 33 -13.64 -0.43 6.80
N ARG A 34 -12.86 -1.51 6.85
CA ARG A 34 -13.24 -2.70 7.60
C ARG A 34 -11.99 -3.42 8.06
N LEU A 35 -11.99 -3.85 9.32
CA LEU A 35 -10.91 -4.64 9.87
C LEU A 35 -11.51 -5.94 10.37
N GLN A 36 -10.99 -7.06 9.88
CA GLN A 36 -11.46 -8.38 10.31
C GLN A 36 -10.28 -9.14 10.87
N ALA A 37 -10.23 -9.27 12.20
CA ALA A 37 -9.13 -9.99 12.84
C ALA A 37 -9.59 -11.39 13.23
N ASP A 38 -8.95 -12.41 12.65
CA ASP A 38 -9.33 -13.81 12.89
C ASP A 38 -8.29 -14.56 13.72
N TYR A 39 -8.78 -15.48 14.53
CA TYR A 39 -7.93 -16.49 15.15
C TYR A 39 -8.60 -17.85 14.99
N GLY A 40 -7.91 -18.77 14.33
CA GLY A 40 -8.44 -20.11 14.06
C GLY A 40 -7.50 -21.20 14.53
N ARG A 41 -8.08 -22.30 15.01
CA ARG A 41 -7.32 -23.51 15.33
C ARG A 41 -8.00 -24.69 14.63
N PHE A 42 -7.20 -25.56 14.03
CA PHE A 42 -7.74 -26.61 13.16
C PHE A 42 -6.81 -27.82 13.08
N ASP A 43 -7.38 -28.99 12.78
CA ASP A 43 -6.62 -30.24 12.76
C ASP A 43 -7.17 -31.24 11.72
N GLY A 44 -6.73 -32.49 11.80
CA GLY A 44 -7.18 -33.54 10.88
C GLY A 44 -6.82 -33.17 9.45
N TYR A 45 -7.79 -33.33 8.55
CA TYR A 45 -7.60 -33.08 7.12
C TYR A 45 -6.98 -31.69 6.83
N TYR A 46 -7.33 -30.69 7.65
CA TYR A 46 -6.87 -29.32 7.44
C TYR A 46 -5.36 -29.11 7.48
N THR A 47 -4.65 -30.00 8.17
CA THR A 47 -3.19 -29.92 8.27
C THR A 47 -2.53 -31.15 7.61
N ASN A 48 -1.25 -31.03 7.28
CA ASN A 48 -0.54 -32.11 6.57
C ASN A 48 -0.31 -33.36 7.41
N ASN A 49 0.03 -33.17 8.69
CA ASN A 49 0.25 -34.30 9.60
C ASN A 49 -0.96 -34.62 10.49
N GLY A 50 -2.02 -33.83 10.38
CA GLY A 50 -3.23 -34.05 11.17
C GLY A 50 -3.24 -33.43 12.56
N ASN A 51 -2.09 -32.90 12.99
CA ASN A 51 -1.99 -32.20 14.27
C ASN A 51 -2.59 -30.79 14.18
N THR A 52 -2.77 -30.14 15.34
CA THR A 52 -3.40 -28.83 15.42
C THR A 52 -2.45 -27.71 15.00
N ALA A 53 -2.89 -26.92 14.03
CA ALA A 53 -2.20 -25.70 13.64
C ALA A 53 -3.08 -24.51 14.04
N ASP A 54 -2.55 -23.30 13.92
CA ASP A 54 -3.38 -22.13 14.14
C ASP A 54 -3.08 -21.05 13.11
N ALA A 55 -3.85 -19.97 13.16
CA ALA A 55 -3.68 -18.86 12.24
C ALA A 55 -4.28 -17.62 12.89
N ALA A 56 -3.44 -16.60 13.06
CA ALA A 56 -3.86 -15.29 13.55
C ALA A 56 -3.53 -14.28 12.46
N TYR A 57 -4.55 -13.67 11.88
CA TYR A 57 -4.32 -12.86 10.68
C TYR A 57 -5.48 -11.89 10.49
N PHE A 58 -5.23 -10.81 9.76
CA PHE A 58 -6.34 -9.99 9.29
C PHE A 58 -6.88 -10.60 8.01
N ARG A 59 -8.15 -10.97 8.04
CA ARG A 59 -8.83 -11.55 6.88
C ARG A 59 -9.01 -10.49 5.81
N ARG A 60 -9.28 -9.27 6.26
CA ARG A 60 -9.45 -8.07 5.43
C ARG A 60 -9.05 -6.88 6.29
N ALA A 61 -8.40 -5.92 5.67
CA ALA A 61 -8.10 -4.63 6.29
C ALA A 61 -8.22 -3.59 5.19
N TYR A 62 -9.45 -3.18 4.88
CA TYR A 62 -9.68 -2.26 3.77
C TYR A 62 -9.74 -0.83 4.24
N LEU A 63 -9.11 0.05 3.47
CA LEU A 63 -9.40 1.47 3.52
C LEU A 63 -10.24 1.75 2.28
N GLU A 64 -11.31 2.50 2.48
CA GLU A 64 -12.35 2.64 1.48
C GLU A 64 -12.62 4.11 1.17
N PHE A 65 -12.40 4.47 -0.09
CA PHE A 65 -12.57 5.86 -0.54
C PHE A 65 -13.61 5.87 -1.66
N GLY A 66 -14.68 6.62 -1.45
CA GLY A 66 -15.75 6.70 -2.43
C GLY A 66 -16.35 8.09 -2.47
N GLY A 67 -17.00 8.40 -3.59
CA GLY A 67 -17.59 9.71 -3.73
C GLY A 67 -18.43 9.88 -4.98
N THR A 68 -19.01 11.07 -5.11
CA THR A 68 -19.89 11.40 -6.21
C THR A 68 -19.49 12.79 -6.71
N ALA A 69 -19.52 12.97 -8.03
CA ALA A 69 -19.26 14.26 -8.63
C ALA A 69 -20.25 14.52 -9.74
N TYR A 70 -20.72 15.76 -9.80
CA TYR A 70 -21.67 16.22 -10.82
C TYR A 70 -22.84 15.26 -10.93
N ARG A 71 -23.32 14.85 -9.75
CA ARG A 71 -24.50 14.02 -9.55
C ARG A 71 -24.39 12.57 -10.05
N ASP A 72 -23.94 12.40 -11.29
CA ASP A 72 -24.07 11.11 -11.98
C ASP A 72 -22.78 10.28 -12.07
N TRP A 73 -21.66 10.82 -11.59
CA TRP A 73 -20.37 10.11 -11.68
C TRP A 73 -19.86 9.72 -10.30
N LYS A 74 -19.77 8.41 -10.07
CA LYS A 74 -19.32 7.86 -8.79
C LYS A 74 -18.01 7.08 -8.92
N TYR A 75 -17.20 7.12 -7.87
CA TYR A 75 -16.02 6.27 -7.78
C TYR A 75 -16.02 5.50 -6.45
N GLN A 76 -15.31 4.38 -6.44
CA GLN A 76 -15.07 3.61 -5.21
C GLN A 76 -13.70 2.95 -5.33
N ILE A 77 -12.82 3.26 -4.38
CA ILE A 77 -11.47 2.69 -4.29
C ILE A 77 -11.28 2.05 -2.92
N ASN A 78 -11.24 0.72 -2.90
CA ASN A 78 -11.05 -0.06 -1.68
C ASN A 78 -9.74 -0.83 -1.78
N TYR A 79 -8.80 -0.55 -0.88
CA TYR A 79 -7.51 -1.19 -0.93
C TYR A 79 -7.31 -2.07 0.29
N ASP A 80 -6.79 -3.28 0.04
CA ASP A 80 -6.63 -4.28 1.09
C ASP A 80 -5.20 -4.31 1.63
N LEU A 81 -5.03 -3.70 2.79
CA LEU A 81 -3.76 -3.66 3.50
C LEU A 81 -3.32 -5.04 4.02
N SER A 82 -4.27 -5.96 4.14
CA SER A 82 -3.98 -7.31 4.64
C SER A 82 -3.41 -8.24 3.54
N ARG A 83 -3.46 -7.77 2.30
CA ARG A 83 -2.85 -8.47 1.14
C ARG A 83 -3.57 -9.76 0.74
N ASN A 84 -4.86 -9.85 1.07
CA ASN A 84 -5.64 -11.05 0.81
C ASN A 84 -6.43 -11.05 -0.51
N VAL A 85 -6.46 -9.91 -1.19
CA VAL A 85 -7.02 -9.83 -2.54
C VAL A 85 -6.10 -8.96 -3.41
N GLY A 86 -5.93 -9.37 -4.67
CA GLY A 86 -5.02 -8.69 -5.58
C GLY A 86 -3.60 -9.17 -5.41
N ASN A 87 -2.64 -8.45 -6.00
CA ASN A 87 -1.22 -8.80 -5.88
C ASN A 87 -0.36 -7.55 -6.08
N ASP A 88 0.96 -7.68 -5.96
CA ASP A 88 1.79 -6.47 -6.00
C ASP A 88 2.18 -6.02 -7.42
N SER A 89 1.56 -6.63 -8.44
CA SER A 89 1.68 -6.14 -9.83
C SER A 89 0.44 -5.40 -10.29
N ALA A 90 -0.72 -6.01 -10.12
CA ALA A 90 -2.01 -5.41 -10.50
C ALA A 90 -2.49 -4.46 -9.41
N GLY A 91 -2.02 -4.66 -8.18
CA GLY A 91 -2.47 -3.88 -7.02
C GLY A 91 -3.34 -4.71 -6.08
N TYR A 92 -3.33 -4.37 -4.79
CA TYR A 92 -4.17 -5.08 -3.82
C TYR A 92 -5.58 -4.47 -3.68
N PHE A 93 -6.30 -4.45 -4.79
CA PHE A 93 -7.63 -3.84 -4.83
C PHE A 93 -8.75 -4.80 -4.43
N ASP A 94 -9.61 -4.37 -3.51
CA ASP A 94 -10.93 -4.97 -3.37
C ASP A 94 -11.82 -4.38 -4.46
N GLU A 95 -11.66 -3.08 -4.71
CA GLU A 95 -12.42 -2.38 -5.74
C GLU A 95 -11.66 -1.14 -6.23
N ALA A 96 -11.76 -0.88 -7.52
CA ALA A 96 -11.35 0.40 -8.10
C ALA A 96 -12.23 0.62 -9.32
N SER A 97 -13.32 1.33 -9.10
CA SER A 97 -14.36 1.45 -10.12
C SER A 97 -14.88 2.88 -10.30
N VAL A 98 -15.43 3.13 -11.48
CA VAL A 98 -16.21 4.34 -11.76
C VAL A 98 -17.60 3.92 -12.22
N THR A 99 -18.64 4.55 -11.65
CA THR A 99 -20.01 4.25 -12.04
C THR A 99 -20.68 5.49 -12.60
N TYR A 100 -21.29 5.34 -13.78
CA TYR A 100 -22.12 6.37 -14.37
C TYR A 100 -23.58 5.96 -14.16
N THR A 101 -24.37 6.87 -13.57
CA THR A 101 -25.74 6.56 -13.20
C THR A 101 -26.75 7.38 -14.02
N GLY A 102 -26.25 8.13 -14.99
CA GLY A 102 -27.08 8.98 -15.85
C GLY A 102 -28.20 8.28 -16.59
N PHE A 103 -27.98 7.02 -16.96
CA PHE A 103 -29.00 6.22 -17.64
C PHE A 103 -29.96 5.51 -16.67
N ASN A 104 -29.95 5.92 -15.40
CA ASN A 104 -30.91 5.47 -14.38
C ASN A 104 -32.26 5.12 -15.04
N PRO A 105 -32.77 3.88 -14.81
CA PRO A 105 -32.38 2.87 -13.81
C PRO A 105 -31.16 2.01 -14.18
N VAL A 106 -30.65 2.14 -15.40
CA VAL A 106 -29.45 1.40 -15.82
C VAL A 106 -28.17 2.08 -15.29
N ASN A 107 -27.34 1.31 -14.60
CA ASN A 107 -26.06 1.78 -14.11
C ASN A 107 -24.92 1.12 -14.90
N LEU A 108 -23.88 1.90 -15.20
CA LEU A 108 -22.73 1.40 -15.93
C LEU A 108 -21.50 1.51 -15.04
N LYS A 109 -20.83 0.38 -14.80
CA LYS A 109 -19.66 0.34 -13.94
C LYS A 109 -18.41 -0.04 -14.72
N PHE A 110 -17.33 0.71 -14.50
CA PHE A 110 -16.06 0.48 -15.19
C PHE A 110 -14.95 0.26 -14.19
N GLY A 111 -14.04 -0.66 -14.52
CA GLY A 111 -12.83 -0.83 -13.72
C GLY A 111 -12.69 -2.20 -13.10
N ARG A 112 -12.21 -2.23 -11.86
CA ARG A 112 -11.93 -3.49 -11.15
C ARG A 112 -13.01 -3.69 -10.08
N PHE A 113 -13.76 -4.77 -10.26
CA PHE A 113 -14.87 -5.13 -9.39
C PHE A 113 -15.07 -6.64 -9.51
N TYR A 114 -15.73 -7.26 -8.53
CA TYR A 114 -16.07 -8.67 -8.63
C TYR A 114 -17.18 -8.81 -9.65
N THR A 115 -17.01 -9.71 -10.61
CA THR A 115 -18.09 -9.98 -11.56
C THR A 115 -19.27 -10.60 -10.80
N ASP A 116 -20.48 -10.34 -11.27
CA ASP A 116 -21.69 -10.64 -10.49
C ASP A 116 -22.21 -12.06 -10.76
N PHE A 117 -21.88 -12.98 -9.84
CA PHE A 117 -22.31 -14.38 -9.87
C PHE A 117 -22.39 -14.83 -8.40
N GLY A 118 -23.61 -15.05 -7.93
CA GLY A 118 -23.82 -15.60 -6.60
C GLY A 118 -24.25 -14.56 -5.57
N LEU A 119 -25.33 -14.88 -4.87
CA LEU A 119 -25.89 -14.10 -3.77
C LEU A 119 -24.89 -13.80 -2.67
N GLU A 120 -24.18 -14.83 -2.20
CA GLU A 120 -23.28 -14.68 -1.06
C GLU A 120 -22.06 -13.82 -1.41
N LYS A 121 -21.64 -13.87 -2.67
CA LYS A 121 -20.58 -12.98 -3.16
C LYS A 121 -21.08 -11.54 -3.33
N ALA A 122 -22.32 -11.37 -3.78
CA ALA A 122 -22.93 -10.05 -3.93
C ALA A 122 -23.05 -9.37 -2.56
N THR A 123 -23.35 -10.17 -1.54
CA THR A 123 -23.40 -9.72 -0.16
C THR A 123 -22.04 -9.17 0.28
N SER A 124 -22.03 -7.95 0.81
CA SER A 124 -20.82 -7.33 1.34
C SER A 124 -20.10 -8.28 2.30
N SER A 125 -18.77 -8.34 2.20
CA SER A 125 -17.97 -9.19 3.10
C SER A 125 -18.06 -8.73 4.56
N LYS A 126 -18.53 -7.51 4.80
CA LYS A 126 -18.86 -7.07 6.15
C LYS A 126 -19.97 -7.91 6.76
N TRP A 127 -20.92 -8.33 5.92
CA TRP A 127 -22.19 -8.87 6.42
C TRP A 127 -22.51 -10.31 6.01
N VAL A 128 -21.61 -10.95 5.27
CA VAL A 128 -21.68 -12.39 5.03
C VAL A 128 -21.83 -13.08 6.40
N THR A 129 -22.87 -13.91 6.52
CA THR A 129 -23.21 -14.55 7.81
C THR A 129 -22.07 -15.41 8.36
N ALA A 130 -21.48 -16.24 7.51
CA ALA A 130 -20.38 -17.12 7.88
C ALA A 130 -19.04 -16.40 7.76
N LEU A 131 -18.04 -16.86 8.50
CA LEU A 131 -16.70 -16.23 8.48
C LEU A 131 -15.98 -16.42 7.14
N GLU A 132 -16.30 -17.51 6.44
CA GLU A 132 -15.81 -17.72 5.08
C GLU A 132 -16.97 -18.03 4.15
N ARG A 133 -16.88 -17.55 2.92
CA ARG A 133 -17.89 -17.82 1.90
C ARG A 133 -17.87 -19.30 1.49
N ASN A 134 -18.96 -19.74 0.85
CA ASN A 134 -19.22 -21.14 0.57
C ASN A 134 -18.20 -21.84 -0.34
N LEU A 135 -18.18 -23.18 -0.27
CA LEU A 135 -17.24 -24.02 -1.02
C LEU A 135 -17.37 -23.99 -2.55
N THR A 136 -18.57 -23.69 -3.06
CA THR A 136 -18.79 -23.71 -4.51
C THR A 136 -17.97 -22.65 -5.23
N TYR A 137 -17.68 -21.54 -4.55
CA TYR A 137 -16.80 -20.54 -5.14
C TYR A 137 -15.38 -21.06 -5.28
N ASP A 138 -14.96 -21.99 -4.41
CA ASP A 138 -13.64 -22.60 -4.51
C ASP A 138 -13.46 -23.45 -5.77
N ILE A 139 -14.57 -23.94 -6.33
CA ILE A 139 -14.52 -24.82 -7.51
C ILE A 139 -14.76 -24.08 -8.83
N ALA A 140 -15.02 -22.78 -8.74
CA ALA A 140 -15.26 -21.93 -9.92
C ALA A 140 -14.85 -20.49 -9.58
N ASP A 141 -13.63 -20.29 -9.10
CA ASP A 141 -13.30 -19.00 -8.48
C ASP A 141 -13.20 -17.82 -9.43
N TRP A 142 -13.11 -18.10 -10.73
CA TRP A 142 -13.05 -17.06 -11.76
C TRP A 142 -14.39 -16.36 -12.03
N VAL A 143 -15.50 -17.02 -11.73
CA VAL A 143 -16.82 -16.50 -12.11
C VAL A 143 -17.20 -15.18 -11.42
N ASN A 144 -16.64 -14.97 -10.22
CA ASN A 144 -16.93 -13.76 -9.44
C ASN A 144 -15.70 -13.13 -8.77
N ASP A 145 -14.51 -13.40 -9.32
CA ASP A 145 -13.32 -12.71 -8.85
C ASP A 145 -13.18 -11.32 -9.49
N ASN A 146 -12.19 -10.55 -9.03
CA ASN A 146 -11.94 -9.22 -9.57
C ASN A 146 -10.55 -9.14 -10.18
N VAL A 147 -10.07 -10.28 -10.68
CA VAL A 147 -8.71 -10.38 -11.21
C VAL A 147 -8.73 -9.95 -12.69
N GLY A 148 -8.94 -8.66 -12.89
CA GLY A 148 -9.02 -8.07 -14.22
C GLY A 148 -9.71 -6.73 -14.18
N THR A 149 -10.16 -6.28 -15.34
CA THR A 149 -10.77 -4.96 -15.49
C THR A 149 -11.87 -5.11 -16.53
N GLY A 150 -13.02 -4.48 -16.30
CA GLY A 150 -14.09 -4.60 -17.26
C GLY A 150 -15.20 -3.58 -17.15
N ILE A 151 -16.34 -3.93 -17.73
CA ILE A 151 -17.51 -3.06 -17.82
C ILE A 151 -18.77 -3.86 -17.50
N GLN A 152 -19.60 -3.32 -16.62
CA GLN A 152 -20.83 -3.99 -16.20
C GLN A 152 -22.02 -3.05 -16.35
N ALA A 153 -23.13 -3.56 -16.87
CA ALA A 153 -24.41 -2.85 -16.81
C ALA A 153 -25.32 -3.60 -15.86
N SER A 154 -26.13 -2.87 -15.10
CA SER A 154 -27.07 -3.47 -14.18
C SER A 154 -28.27 -2.56 -13.98
N SER A 155 -29.39 -3.17 -13.60
CA SER A 155 -30.62 -2.44 -13.41
C SER A 155 -31.61 -3.24 -12.57
N VAL A 156 -32.31 -2.55 -11.68
CA VAL A 156 -33.56 -3.06 -11.14
C VAL A 156 -34.57 -2.95 -12.27
N VAL A 157 -35.37 -4.00 -12.47
CA VAL A 157 -36.37 -4.02 -13.54
C VAL A 157 -37.77 -4.24 -12.95
N GLY A 158 -38.67 -3.30 -13.24
CA GLY A 158 -40.07 -3.40 -12.85
C GLY A 158 -40.36 -3.50 -11.36
N GLY A 159 -39.41 -3.08 -10.54
CA GLY A 159 -39.56 -3.12 -9.08
C GLY A 159 -39.57 -4.48 -8.42
N MET A 160 -39.28 -5.54 -9.19
CA MET A 160 -39.38 -6.92 -8.70
C MET A 160 -38.22 -7.80 -9.16
N ALA A 161 -37.27 -7.23 -9.90
CA ALA A 161 -36.18 -8.01 -10.48
C ALA A 161 -34.88 -7.21 -10.59
N PHE A 162 -33.77 -7.94 -10.67
CA PHE A 162 -32.46 -7.35 -10.87
C PHE A 162 -31.71 -8.09 -11.96
N LEU A 163 -31.11 -7.34 -12.88
CA LEU A 163 -30.33 -7.93 -13.98
C LEU A 163 -28.96 -7.28 -14.03
N SER A 164 -27.93 -8.10 -14.21
CA SER A 164 -26.59 -7.58 -14.45
C SER A 164 -25.85 -8.39 -15.51
N GLY A 165 -24.94 -7.74 -16.22
CA GLY A 165 -24.09 -8.41 -17.18
C GLY A 165 -22.78 -7.68 -17.26
N SER A 166 -21.71 -8.40 -17.59
CA SER A 166 -20.41 -7.76 -17.77
C SER A 166 -19.53 -8.47 -18.79
N VAL A 167 -18.57 -7.71 -19.31
CA VAL A 167 -17.43 -8.28 -20.06
C VAL A 167 -16.18 -7.84 -19.28
N PHE A 168 -15.26 -8.78 -19.09
CA PHE A 168 -14.14 -8.57 -18.17
C PHE A 168 -12.87 -9.04 -18.86
N SER A 169 -11.87 -8.16 -18.90
CA SER A 169 -10.55 -8.52 -19.36
C SER A 169 -9.80 -9.18 -18.21
N GLU A 170 -9.67 -10.51 -18.28
CA GLU A 170 -8.95 -11.28 -17.26
C GLU A 170 -7.45 -11.05 -17.36
N ASN A 171 -6.76 -11.22 -16.24
CA ASN A 171 -5.31 -11.17 -16.23
C ASN A 171 -4.67 -12.51 -16.68
N ASN A 172 -5.34 -13.18 -17.61
CA ASN A 172 -4.81 -14.36 -18.31
C ASN A 172 -4.65 -14.01 -19.78
N ASN A 173 -3.53 -14.40 -20.38
CA ASN A 173 -3.28 -14.13 -21.80
C ASN A 173 -3.31 -15.36 -22.68
N ASP A 174 -3.76 -15.19 -23.92
CA ASP A 174 -3.42 -16.15 -24.97
C ASP A 174 -1.99 -15.93 -25.46
N THR A 175 -1.56 -16.74 -26.43
CA THR A 175 -0.18 -16.71 -26.91
C THR A 175 0.20 -15.36 -27.54
N ASP A 176 -0.80 -14.62 -28.02
CA ASP A 176 -0.59 -13.31 -28.64
C ASP A 176 -0.56 -12.16 -27.61
N GLY A 177 -0.81 -12.47 -26.34
CA GLY A 177 -0.86 -11.44 -25.29
C GLY A 177 -2.19 -10.72 -25.23
N ASP A 178 -3.22 -11.35 -25.82
CA ASP A 178 -4.58 -10.85 -25.82
C ASP A 178 -5.31 -11.52 -24.66
N SER A 179 -5.93 -10.70 -23.81
CA SER A 179 -6.53 -11.19 -22.59
C SER A 179 -7.71 -12.14 -22.84
N VAL A 180 -7.83 -13.14 -21.98
CA VAL A 180 -9.05 -13.96 -21.92
C VAL A 180 -10.21 -13.02 -21.57
N LYS A 181 -11.31 -13.11 -22.32
CA LYS A 181 -12.47 -12.27 -22.07
C LYS A 181 -13.54 -13.07 -21.34
N ARG A 182 -13.94 -12.59 -20.16
CA ARG A 182 -14.94 -13.26 -19.33
C ARG A 182 -16.29 -12.58 -19.52
N TYR A 183 -17.32 -13.38 -19.76
CA TYR A 183 -18.70 -12.87 -19.89
C TYR A 183 -19.56 -13.39 -18.74
N ASN A 184 -20.29 -12.48 -18.09
CA ASN A 184 -21.20 -12.84 -17.00
C ASN A 184 -22.62 -12.32 -17.24
N LEU A 185 -23.59 -13.13 -16.81
CA LEU A 185 -24.98 -12.71 -16.72
C LEU A 185 -25.55 -13.18 -15.39
N ARG A 186 -26.40 -12.35 -14.78
CA ARG A 186 -27.12 -12.71 -13.57
C ARG A 186 -28.49 -12.06 -13.61
N GLY A 187 -29.52 -12.85 -13.35
CA GLY A 187 -30.89 -12.37 -13.29
C GLY A 187 -31.61 -12.93 -12.08
N VAL A 188 -32.24 -12.03 -11.31
CA VAL A 188 -32.92 -12.41 -10.09
C VAL A 188 -34.36 -11.90 -10.10
N PHE A 189 -35.30 -12.80 -9.88
CA PHE A 189 -36.69 -12.45 -9.65
C PHE A 189 -36.90 -12.46 -8.14
N ALA A 190 -37.24 -11.30 -7.59
CA ALA A 190 -37.46 -11.15 -6.16
C ALA A 190 -38.72 -10.34 -5.90
N PRO A 191 -39.91 -10.98 -6.03
CA PRO A 191 -41.20 -10.32 -5.88
C PRO A 191 -41.47 -9.78 -4.47
N LEU A 192 -40.79 -10.35 -3.47
CA LEU A 192 -40.73 -9.80 -2.12
C LEU A 192 -39.25 -9.57 -1.81
N HIS A 193 -38.92 -8.34 -1.44
CA HIS A 193 -37.52 -7.90 -1.35
C HIS A 193 -37.32 -6.88 -0.21
N GLU A 194 -37.93 -7.16 0.93
CA GLU A 194 -37.78 -6.32 2.12
C GLU A 194 -37.20 -7.13 3.27
N PRO A 195 -36.51 -6.46 4.23
CA PRO A 195 -35.99 -7.15 5.40
C PRO A 195 -37.07 -8.02 6.06
N GLY A 196 -36.77 -9.30 6.27
CA GLY A 196 -37.71 -10.23 6.89
C GLY A 196 -38.88 -10.65 6.01
N ASN A 197 -38.82 -10.26 4.73
CA ASN A 197 -39.87 -10.60 3.76
C ASN A 197 -39.25 -10.76 2.37
N VAL A 198 -38.55 -11.87 2.17
CA VAL A 198 -37.77 -12.09 0.95
C VAL A 198 -38.15 -13.39 0.26
N VAL A 199 -38.40 -13.30 -1.04
CA VAL A 199 -38.49 -14.46 -1.92
C VAL A 199 -37.64 -14.15 -3.14
N HIS A 200 -36.60 -14.96 -3.32
CA HIS A 200 -35.48 -14.66 -4.22
C HIS A 200 -35.18 -15.91 -5.05
N LEU A 201 -35.32 -15.79 -6.37
CA LEU A 201 -34.91 -16.86 -7.27
C LEU A 201 -34.01 -16.27 -8.36
N GLY A 202 -32.81 -16.83 -8.47
CA GLY A 202 -31.79 -16.28 -9.38
C GLY A 202 -31.16 -17.31 -10.31
N LEU A 203 -30.79 -16.84 -11.50
CA LEU A 203 -30.05 -17.64 -12.47
C LEU A 203 -28.82 -16.85 -12.89
N GLN A 204 -27.68 -17.53 -12.99
CA GLN A 204 -26.43 -16.89 -13.39
C GLN A 204 -25.58 -17.77 -14.32
N TYR A 205 -24.84 -17.10 -15.21
CA TYR A 205 -24.02 -17.75 -16.21
C TYR A 205 -22.69 -17.02 -16.40
N ALA A 206 -21.62 -17.79 -16.53
CA ALA A 206 -20.30 -17.25 -16.79
C ALA A 206 -19.63 -18.08 -17.90
N TYR A 207 -18.91 -17.40 -18.77
CA TYR A 207 -18.23 -18.04 -19.91
C TYR A 207 -16.91 -17.35 -20.19
N ARG A 208 -15.90 -18.15 -20.54
CA ARG A 208 -14.67 -17.63 -21.12
C ARG A 208 -14.08 -18.64 -22.12
N ASP A 209 -13.63 -18.12 -23.25
CA ASP A 209 -12.91 -18.88 -24.26
C ASP A 209 -11.45 -18.97 -23.82
N LEU A 210 -10.95 -20.21 -23.68
CA LEU A 210 -9.59 -20.43 -23.21
C LEU A 210 -8.61 -20.89 -24.31
N GLU A 211 -9.04 -20.87 -25.56
CA GLU A 211 -8.20 -21.30 -26.68
C GLU A 211 -6.84 -20.61 -26.65
N ASP A 212 -5.78 -21.42 -26.68
CA ASP A 212 -4.39 -20.94 -26.77
C ASP A 212 -3.98 -20.07 -25.58
N SER A 213 -4.62 -20.29 -24.43
CA SER A 213 -4.40 -19.47 -23.23
C SER A 213 -3.75 -20.26 -22.11
N ALA A 214 -2.99 -19.56 -21.27
CA ALA A 214 -2.42 -20.14 -20.07
C ALA A 214 -3.23 -19.65 -18.86
N VAL A 215 -3.94 -20.58 -18.24
CA VAL A 215 -4.82 -20.28 -17.11
C VAL A 215 -4.62 -21.35 -16.03
N ASP A 216 -4.47 -20.91 -14.78
CA ASP A 216 -4.38 -21.83 -13.65
C ASP A 216 -5.78 -22.37 -13.39
N THR A 217 -5.96 -23.68 -13.53
CA THR A 217 -7.25 -24.32 -13.31
C THR A 217 -7.25 -25.27 -12.10
N ARG A 218 -6.19 -25.23 -11.31
CA ARG A 218 -6.10 -26.04 -10.10
C ARG A 218 -7.22 -25.68 -9.13
N ILE A 219 -7.99 -26.69 -8.72
CA ILE A 219 -9.05 -26.51 -7.73
C ILE A 219 -8.53 -26.98 -6.38
N ARG A 220 -8.34 -26.01 -5.49
CA ARG A 220 -7.66 -26.21 -4.20
C ARG A 220 -8.47 -25.55 -3.08
N PRO A 221 -9.63 -26.15 -2.73
CA PRO A 221 -10.46 -25.58 -1.67
C PRO A 221 -9.77 -25.67 -0.32
N ARG A 222 -9.87 -24.62 0.47
CA ARG A 222 -9.42 -24.63 1.86
C ARG A 222 -10.37 -25.43 2.75
N MET A 223 -11.52 -25.82 2.20
CA MET A 223 -12.50 -26.67 2.89
C MET A 223 -13.13 -26.01 4.13
N GLY A 224 -13.31 -24.69 4.07
CA GLY A 224 -14.03 -23.97 5.11
C GLY A 224 -13.18 -23.35 6.20
N MET A 225 -11.86 -23.44 6.04
CA MET A 225 -10.92 -22.92 7.03
C MET A 225 -9.84 -22.05 6.35
N ARG A 226 -9.99 -20.74 6.51
CA ARG A 226 -9.08 -19.78 5.88
C ARG A 226 -7.63 -20.00 6.31
N GLY A 227 -7.44 -20.33 7.59
CA GLY A 227 -6.13 -20.41 8.22
C GLY A 227 -5.13 -21.40 7.66
N VAL A 228 -5.58 -22.36 6.85
CA VAL A 228 -4.63 -23.30 6.23
C VAL A 228 -3.63 -22.57 5.33
N SER A 229 -4.08 -21.49 4.69
CA SER A 229 -3.24 -20.66 3.81
C SER A 229 -3.86 -19.27 3.62
N THR A 230 -3.22 -18.25 4.18
CA THR A 230 -3.71 -16.89 4.12
C THR A 230 -2.60 -15.85 4.34
N ASN A 231 -2.81 -14.67 3.77
CA ASN A 231 -2.01 -13.49 4.08
C ASN A 231 -2.64 -12.75 5.27
N GLY A 232 -1.99 -11.68 5.71
CA GLY A 232 -2.53 -10.80 6.75
C GLY A 232 -2.04 -11.09 8.16
N GLY A 233 -1.15 -12.07 8.31
CA GLY A 233 -0.67 -12.41 9.65
C GLY A 233 0.18 -13.65 9.63
N ASN A 234 -0.36 -14.73 10.19
CA ASN A 234 0.26 -16.03 10.10
C ASN A 234 -0.76 -17.11 9.78
N ASP A 235 -0.28 -18.25 9.28
CA ASP A 235 -1.12 -19.37 8.95
C ASP A 235 -0.44 -20.69 9.33
N ALA A 236 -1.00 -21.81 8.88
CA ALA A 236 -0.46 -23.15 9.19
C ALA A 236 0.89 -23.42 8.52
N GLY A 237 1.30 -22.53 7.61
CA GLY A 237 2.59 -22.62 6.92
C GLY A 237 2.82 -23.97 6.27
N SER A 238 3.97 -24.58 6.58
CA SER A 238 4.36 -25.89 6.05
C SER A 238 3.45 -27.05 6.48
N ASN A 239 2.57 -26.82 7.45
CA ASN A 239 1.66 -27.86 7.89
C ASN A 239 0.22 -27.61 7.45
N GLY A 240 0.02 -26.64 6.56
CA GLY A 240 -1.31 -26.35 6.04
C GLY A 240 -1.64 -27.18 4.82
N ASN A 241 -2.75 -27.91 4.88
CA ASN A 241 -3.19 -28.74 3.77
C ASN A 241 -4.24 -28.02 2.93
N ARG A 242 -3.81 -27.54 1.77
CA ARG A 242 -4.73 -27.02 0.79
C ARG A 242 -4.72 -28.00 -0.39
N GLY A 243 -5.58 -29.00 -0.29
CA GLY A 243 -5.53 -30.17 -1.18
C GLY A 243 -5.98 -29.89 -2.60
N LEU A 244 -5.31 -30.55 -3.55
CA LEU A 244 -5.62 -30.43 -4.97
C LEU A 244 -6.74 -31.41 -5.37
N PHE A 245 -7.94 -30.87 -5.58
CA PHE A 245 -9.12 -31.66 -5.96
C PHE A 245 -9.09 -32.05 -7.43
N GLY A 246 -8.40 -31.24 -8.25
CA GLY A 246 -8.30 -31.47 -9.69
C GLY A 246 -7.85 -30.22 -10.43
N GLY A 247 -7.69 -30.35 -11.74
CA GLY A 247 -7.25 -29.24 -12.57
C GLY A 247 -5.75 -29.16 -12.70
N SER A 248 -5.29 -28.18 -13.49
CA SER A 248 -3.89 -28.11 -13.90
C SER A 248 -3.26 -26.74 -13.68
N SER A 249 -1.94 -26.71 -13.68
CA SER A 249 -1.18 -25.47 -13.70
C SER A 249 -1.37 -24.76 -15.04
N ALA A 250 -1.00 -23.48 -15.08
CA ALA A 250 -1.17 -22.64 -16.27
C ALA A 250 -0.22 -23.05 -17.40
N VAL A 251 -0.63 -24.04 -18.17
CA VAL A 251 0.07 -24.43 -19.40
C VAL A 251 -0.81 -24.00 -20.57
N GLU A 252 -0.25 -23.27 -21.53
CA GLU A 252 -1.02 -22.82 -22.69
C GLU A 252 -1.48 -24.00 -23.55
N GLY A 253 -2.73 -23.94 -24.00
CA GLY A 253 -3.26 -24.92 -24.95
C GLY A 253 -3.91 -26.17 -24.37
N LEU A 254 -4.14 -26.19 -23.07
CA LEU A 254 -4.78 -27.34 -22.42
C LEU A 254 -6.30 -27.37 -22.59
N TRP A 255 -6.91 -26.20 -22.75
CA TRP A 255 -8.37 -26.05 -22.69
C TRP A 255 -8.96 -25.30 -23.88
N LYS A 256 -10.23 -25.58 -24.18
CA LYS A 256 -11.00 -24.87 -25.21
C LYS A 256 -11.78 -23.71 -24.61
N ASP A 257 -12.57 -24.01 -23.57
CA ASP A 257 -13.42 -23.01 -22.92
C ASP A 257 -13.87 -23.46 -21.53
N ASP A 258 -14.57 -22.57 -20.83
CA ASP A 258 -14.94 -22.74 -19.42
C ASP A 258 -16.33 -22.11 -19.25
N SER A 259 -17.31 -22.92 -18.83
CA SER A 259 -18.71 -22.49 -18.68
C SER A 259 -19.25 -22.87 -17.30
N VAL A 260 -19.94 -21.93 -16.66
CA VAL A 260 -20.59 -22.19 -15.38
C VAL A 260 -22.03 -21.69 -15.42
N TRP A 261 -22.96 -22.54 -14.98
CA TRP A 261 -24.35 -22.19 -14.75
C TRP A 261 -24.62 -22.26 -13.26
N GLY A 262 -25.46 -21.35 -12.76
CA GLY A 262 -25.80 -21.32 -11.34
C GLY A 262 -27.26 -21.04 -11.09
N LEU A 263 -27.79 -21.66 -10.03
CA LEU A 263 -29.18 -21.49 -9.61
C LEU A 263 -29.16 -21.12 -8.13
N GLU A 264 -29.90 -20.09 -7.75
CA GLU A 264 -29.94 -19.69 -6.35
C GLU A 264 -31.32 -19.33 -5.84
N GLY A 265 -31.49 -19.50 -4.53
CA GLY A 265 -32.74 -19.15 -3.87
C GLY A 265 -32.50 -18.57 -2.49
N ALA A 266 -33.41 -17.71 -2.06
CA ALA A 266 -33.39 -17.15 -0.71
C ALA A 266 -34.81 -16.91 -0.24
N TRP A 267 -35.03 -17.11 1.06
CA TRP A 267 -36.34 -16.94 1.67
C TRP A 267 -36.13 -16.35 3.06
N ALA A 268 -36.85 -15.28 3.36
CA ALA A 268 -36.76 -14.68 4.68
C ALA A 268 -38.12 -14.43 5.27
N LEU A 269 -38.30 -14.89 6.51
CA LEU A 269 -39.49 -14.66 7.30
C LEU A 269 -39.08 -14.08 8.65
N GLY A 270 -39.30 -12.78 8.83
CA GLY A 270 -38.81 -12.04 10.00
C GLY A 270 -37.33 -12.30 10.24
N ALA A 271 -37.01 -12.75 11.45
CA ALA A 271 -35.63 -13.00 11.86
C ALA A 271 -35.02 -14.28 11.24
N PHE A 272 -35.83 -15.06 10.54
CA PHE A 272 -35.36 -16.29 9.90
C PHE A 272 -35.09 -16.09 8.43
N SER A 273 -33.98 -16.68 7.95
CA SER A 273 -33.67 -16.70 6.53
C SER A 273 -33.07 -18.04 6.10
N ALA A 274 -33.39 -18.44 4.88
CA ALA A 274 -32.75 -19.58 4.24
C ALA A 274 -32.21 -19.14 2.88
N GLN A 275 -31.00 -19.58 2.54
CA GLN A 275 -30.44 -19.29 1.23
C GLN A 275 -29.59 -20.46 0.73
N ALA A 276 -29.57 -20.62 -0.58
CA ALA A 276 -28.85 -21.72 -1.22
C ALA A 276 -28.41 -21.34 -2.61
N GLU A 277 -27.28 -21.91 -3.04
CA GLU A 277 -26.78 -21.71 -4.39
C GLU A 277 -26.27 -23.04 -4.88
N TYR A 278 -26.54 -23.32 -6.15
CA TYR A 278 -26.00 -24.50 -6.83
C TYR A 278 -25.27 -24.02 -8.08
N LEU A 279 -24.13 -24.63 -8.40
CA LEU A 279 -23.49 -24.37 -9.68
C LEU A 279 -22.90 -25.64 -10.30
N ARG A 280 -22.76 -25.60 -11.61
CA ARG A 280 -22.05 -26.65 -12.34
C ARG A 280 -21.14 -26.03 -13.38
N ARG A 281 -19.93 -26.59 -13.47
CA ARG A 281 -18.88 -26.05 -14.29
C ARG A 281 -18.32 -27.14 -15.21
N THR A 282 -18.04 -26.77 -16.46
CA THR A 282 -17.34 -27.64 -17.41
C THR A 282 -16.20 -26.86 -18.07
N VAL A 283 -14.98 -27.35 -17.90
CA VAL A 283 -13.84 -26.86 -18.66
C VAL A 283 -13.60 -27.88 -19.77
N LYS A 284 -13.89 -27.50 -21.00
CA LYS A 284 -13.68 -28.37 -22.16
C LYS A 284 -12.20 -28.44 -22.50
N ALA A 285 -11.69 -29.67 -22.62
CA ALA A 285 -10.28 -29.91 -22.91
C ALA A 285 -9.98 -29.91 -24.40
N GLU A 286 -8.74 -29.58 -24.75
CA GLU A 286 -8.27 -29.73 -26.12
C GLU A 286 -7.69 -31.12 -26.30
N ARG A 287 -7.55 -31.51 -27.57
CA ARG A 287 -6.66 -32.59 -28.02
C ARG A 287 -6.35 -33.71 -27.01
N ASP A 288 -7.16 -34.77 -27.07
CA ASP A 288 -6.92 -36.03 -26.34
C ASP A 288 -7.06 -35.97 -24.81
N ARG A 289 -7.20 -34.77 -24.25
CA ARG A 289 -7.33 -34.61 -22.80
C ARG A 289 -8.79 -34.74 -22.32
N GLU A 290 -8.96 -34.93 -21.02
CA GLU A 290 -10.28 -35.06 -20.42
C GLU A 290 -10.74 -33.72 -19.86
N ASP A 291 -12.04 -33.47 -19.98
CA ASP A 291 -12.66 -32.27 -19.43
C ASP A 291 -12.50 -32.22 -17.92
N LEU A 292 -12.50 -31.01 -17.38
CA LEU A 292 -12.59 -30.81 -15.94
C LEU A 292 -14.03 -30.41 -15.64
N LYS A 293 -14.66 -31.14 -14.71
CA LYS A 293 -16.03 -30.84 -14.31
C LYS A 293 -16.11 -30.66 -12.80
N ALA A 294 -16.90 -29.68 -12.37
CA ALA A 294 -17.13 -29.45 -10.96
C ALA A 294 -18.57 -29.04 -10.73
N SER A 295 -19.11 -29.47 -9.59
CA SER A 295 -20.46 -29.08 -9.19
C SER A 295 -20.56 -29.04 -7.67
N GLY A 296 -21.50 -28.25 -7.18
CA GLY A 296 -21.74 -28.19 -5.74
C GLY A 296 -22.85 -27.25 -5.37
N TYR A 297 -23.19 -27.26 -4.09
CA TYR A 297 -24.17 -26.35 -3.53
C TYR A 297 -23.84 -26.10 -2.06
N TYR A 298 -24.49 -25.08 -1.50
CA TYR A 298 -24.52 -24.88 -0.07
C TYR A 298 -25.95 -24.55 0.31
N ALA A 299 -26.31 -24.81 1.56
CA ALA A 299 -27.58 -24.36 2.12
C ALA A 299 -27.31 -23.72 3.47
N GLN A 300 -27.86 -22.53 3.70
CA GLN A 300 -27.66 -21.82 4.95
C GLN A 300 -28.98 -21.41 5.60
N LEU A 301 -29.12 -21.75 6.89
CA LEU A 301 -30.22 -21.28 7.71
C LEU A 301 -29.66 -20.32 8.75
N ALA A 302 -30.30 -19.16 8.89
CA ALA A 302 -29.88 -18.17 9.86
C ALA A 302 -31.06 -17.66 10.66
N TYR A 303 -30.85 -17.45 11.95
CA TYR A 303 -31.88 -16.91 12.82
C TYR A 303 -31.32 -15.89 13.80
N THR A 304 -31.89 -14.69 13.79
CA THR A 304 -31.54 -13.66 14.75
C THR A 304 -32.35 -13.85 16.02
N LEU A 305 -31.70 -14.34 17.07
CA LEU A 305 -32.34 -14.61 18.37
C LEU A 305 -33.01 -13.37 18.96
N THR A 306 -32.43 -12.21 18.72
CA THR A 306 -32.93 -10.95 19.28
C THR A 306 -33.98 -10.28 18.40
N GLY A 307 -34.26 -10.88 17.24
CA GLY A 307 -35.44 -10.56 16.44
C GLY A 307 -35.28 -9.71 15.19
N GLU A 308 -34.09 -9.11 15.01
CA GLU A 308 -33.82 -8.24 13.86
C GLU A 308 -33.63 -9.03 12.56
N PRO A 309 -34.30 -8.61 11.47
CA PRO A 309 -34.06 -9.25 10.18
C PRO A 309 -32.74 -8.81 9.52
N ARG A 310 -32.22 -9.64 8.63
CA ARG A 310 -31.13 -9.23 7.77
C ARG A 310 -31.69 -8.27 6.72
N LEU A 311 -31.00 -7.16 6.48
CA LEU A 311 -31.40 -6.27 5.40
C LEU A 311 -31.25 -6.99 4.07
N TYR A 312 -32.15 -6.70 3.14
CA TYR A 312 -32.06 -7.21 1.78
C TYR A 312 -32.17 -6.03 0.82
N LYS A 313 -31.36 -6.05 -0.23
CA LYS A 313 -31.36 -5.00 -1.25
C LYS A 313 -31.63 -5.60 -2.62
N LEU A 314 -32.75 -5.20 -3.22
CA LEU A 314 -33.08 -5.60 -4.59
C LEU A 314 -32.04 -5.09 -5.61
N ASP A 315 -31.52 -3.89 -5.39
CA ASP A 315 -30.43 -3.36 -6.21
C ASP A 315 -29.12 -4.07 -5.84
N GLY A 316 -28.82 -5.14 -6.58
CA GLY A 316 -27.68 -5.99 -6.26
C GLY A 316 -28.13 -7.39 -5.91
N ALA A 317 -29.41 -7.53 -5.56
CA ALA A 317 -30.04 -8.81 -5.18
C ALA A 317 -29.23 -9.55 -4.12
N LYS A 318 -29.09 -8.89 -2.96
CA LYS A 318 -28.14 -9.30 -1.95
C LYS A 318 -28.67 -9.05 -0.55
N PHE A 319 -28.15 -9.81 0.41
CA PHE A 319 -28.40 -9.52 1.81
C PHE A 319 -27.38 -8.49 2.29
N ASP A 320 -27.62 -7.93 3.48
CA ASP A 320 -26.73 -6.92 4.03
C ASP A 320 -26.71 -7.07 5.55
N THR A 321 -26.72 -5.95 6.27
CA THR A 321 -26.42 -5.94 7.71
C THR A 321 -27.60 -6.32 8.62
N ILE A 322 -27.29 -6.50 9.90
CA ILE A 322 -28.28 -6.52 10.97
C ILE A 322 -28.04 -5.31 11.88
N LYS A 323 -29.07 -4.50 12.02
CA LYS A 323 -29.01 -3.31 12.89
C LYS A 323 -29.65 -3.63 14.24
N PRO A 324 -28.82 -3.75 15.30
CA PRO A 324 -29.32 -4.16 16.62
C PRO A 324 -30.40 -3.20 17.16
N GLU A 325 -31.45 -3.77 17.75
CA GLU A 325 -32.54 -2.98 18.32
C GLU A 325 -32.25 -2.54 19.75
N ASN A 326 -31.58 -3.43 20.51
CA ASN A 326 -31.21 -3.15 21.89
C ASN A 326 -29.80 -2.58 21.98
N LYS A 327 -29.72 -1.29 22.28
CA LYS A 327 -28.45 -0.56 22.37
C LYS A 327 -27.47 -1.20 23.35
N GLU A 328 -27.98 -1.80 24.42
CA GLU A 328 -27.12 -2.41 25.44
C GLU A 328 -26.74 -3.85 25.10
N ILE A 329 -27.75 -4.68 24.80
CA ILE A 329 -27.54 -6.10 24.48
C ILE A 329 -26.85 -6.32 23.12
N GLY A 330 -27.21 -5.50 22.13
CA GLY A 330 -26.82 -5.74 20.74
C GLY A 330 -27.72 -6.80 20.13
N ALA A 331 -27.32 -7.33 18.97
CA ALA A 331 -28.08 -8.39 18.32
C ALA A 331 -27.30 -9.71 18.32
N TRP A 332 -28.03 -10.81 18.43
CA TRP A 332 -27.43 -12.15 18.45
C TRP A 332 -28.00 -13.01 17.34
N GLU A 333 -27.13 -13.66 16.58
CA GLU A 333 -27.54 -14.43 15.41
C GLU A 333 -26.88 -15.81 15.41
N LEU A 334 -27.68 -16.84 15.16
CA LEU A 334 -27.17 -18.19 14.96
C LEU A 334 -27.36 -18.60 13.51
N PHE A 335 -26.41 -19.39 13.00
CA PHE A 335 -26.55 -19.94 11.66
C PHE A 335 -25.95 -21.35 11.51
N TYR A 336 -26.43 -22.05 10.49
CA TYR A 336 -25.87 -23.32 10.09
C TYR A 336 -25.74 -23.34 8.57
N ARG A 337 -24.56 -23.69 8.09
CA ARG A 337 -24.36 -23.88 6.65
C ARG A 337 -23.81 -25.27 6.36
N TYR A 338 -24.41 -25.90 5.35
CA TYR A 338 -23.90 -27.14 4.79
C TYR A 338 -23.41 -26.87 3.38
N ASP A 339 -22.19 -27.33 3.09
CA ASP A 339 -21.58 -27.18 1.77
C ASP A 339 -21.19 -28.55 1.22
N SER A 340 -21.37 -28.75 -0.08
CA SER A 340 -21.02 -30.02 -0.71
C SER A 340 -20.53 -29.79 -2.12
N ILE A 341 -19.33 -30.30 -2.41
CA ILE A 341 -18.72 -30.14 -3.73
C ILE A 341 -18.20 -31.46 -4.31
N LYS A 342 -18.14 -31.53 -5.63
CA LYS A 342 -17.61 -32.67 -6.35
C LYS A 342 -16.74 -32.17 -7.52
N VAL A 343 -15.55 -32.75 -7.67
CA VAL A 343 -14.67 -32.41 -8.78
C VAL A 343 -14.31 -33.67 -9.55
N GLU A 344 -14.61 -33.66 -10.86
CA GLU A 344 -14.31 -34.78 -11.75
C GLU A 344 -13.18 -34.37 -12.68
N ASP A 345 -12.03 -35.04 -12.54
CA ASP A 345 -10.88 -34.81 -13.41
C ASP A 345 -10.32 -36.17 -13.84
N ASP A 346 -10.78 -36.67 -14.99
CA ASP A 346 -10.36 -37.99 -15.46
C ASP A 346 -8.95 -38.04 -16.02
N ASN A 347 -8.24 -36.90 -16.01
CA ASN A 347 -6.82 -36.86 -16.35
C ASN A 347 -5.96 -37.48 -15.25
N ILE A 348 -6.52 -37.60 -14.05
CA ILE A 348 -5.87 -38.26 -12.92
C ILE A 348 -6.12 -39.76 -13.04
N VAL A 349 -5.07 -40.49 -13.38
CA VAL A 349 -5.20 -41.91 -13.76
C VAL A 349 -4.45 -42.88 -12.82
N VAL A 350 -3.61 -42.32 -11.95
CA VAL A 350 -2.88 -43.10 -10.95
C VAL A 350 -3.11 -42.53 -9.54
N ASP A 351 -3.18 -43.42 -8.55
CA ASP A 351 -3.30 -43.03 -7.14
C ASP A 351 -2.01 -42.41 -6.63
N SER A 352 -2.16 -41.44 -5.73
CA SER A 352 -1.04 -40.90 -4.98
C SER A 352 -1.29 -41.10 -3.48
N ALA A 353 -0.35 -40.60 -2.67
CA ALA A 353 -0.47 -40.67 -1.21
C ALA A 353 -1.67 -39.88 -0.69
N THR A 354 -2.07 -38.85 -1.44
CA THR A 354 -3.16 -37.97 -1.00
C THR A 354 -4.38 -37.94 -1.93
N ARG A 355 -4.30 -38.60 -3.09
CA ARG A 355 -5.38 -38.53 -4.08
C ARG A 355 -5.66 -39.88 -4.73
N GLU A 356 -6.91 -40.35 -4.63
CA GLU A 356 -7.35 -41.59 -5.30
C GLU A 356 -8.06 -41.26 -6.60
N VAL A 357 -7.82 -42.08 -7.63
CA VAL A 357 -8.54 -41.97 -8.90
C VAL A 357 -10.05 -42.00 -8.66
N GLY A 358 -10.76 -41.07 -9.30
CA GLY A 358 -12.20 -40.92 -9.13
C GLY A 358 -12.54 -39.49 -8.77
N ASP A 359 -13.82 -39.24 -8.54
CA ASP A 359 -14.32 -37.90 -8.23
C ASP A 359 -13.93 -37.50 -6.81
N ALA A 360 -13.24 -36.37 -6.68
CA ALA A 360 -12.91 -35.83 -5.37
C ALA A 360 -14.12 -35.09 -4.81
N LYS A 361 -14.45 -35.37 -3.56
CA LYS A 361 -15.62 -34.77 -2.92
C LYS A 361 -15.24 -34.11 -1.60
N GLY A 362 -15.96 -33.06 -1.26
CA GLY A 362 -15.78 -32.38 0.01
C GLY A 362 -17.11 -31.89 0.51
N LYS A 363 -17.31 -32.01 1.82
CA LYS A 363 -18.50 -31.47 2.46
C LYS A 363 -18.12 -30.84 3.80
N THR A 364 -18.78 -29.75 4.15
CA THR A 364 -18.58 -29.12 5.45
C THR A 364 -19.89 -28.83 6.16
N HIS A 365 -19.84 -28.89 7.48
CA HIS A 365 -20.89 -28.40 8.36
C HIS A 365 -20.31 -27.21 9.10
N THR A 366 -20.98 -26.06 9.00
CA THR A 366 -20.54 -24.86 9.72
C THR A 366 -21.65 -24.41 10.66
N LEU A 367 -21.31 -24.31 11.95
CA LEU A 367 -22.22 -23.78 12.96
C LEU A 367 -21.58 -22.55 13.58
N GLY A 368 -22.34 -21.46 13.67
CA GLY A 368 -21.78 -20.21 14.12
C GLY A 368 -22.71 -19.27 14.87
N VAL A 369 -22.09 -18.33 15.56
CA VAL A 369 -22.81 -17.30 16.28
C VAL A 369 -22.16 -15.95 15.97
N ASN A 370 -23.00 -14.97 15.70
CA ASN A 370 -22.58 -13.58 15.48
C ASN A 370 -23.18 -12.71 16.58
N TRP A 371 -22.33 -11.91 17.22
CA TRP A 371 -22.79 -10.86 18.13
C TRP A 371 -22.51 -9.51 17.49
N TYR A 372 -23.58 -8.85 17.08
CA TYR A 372 -23.50 -7.47 16.61
C TYR A 372 -23.63 -6.58 17.85
N ALA A 373 -22.48 -6.14 18.36
CA ALA A 373 -22.42 -5.27 19.54
C ALA A 373 -23.15 -3.97 19.26
N ASN A 374 -22.99 -3.50 18.03
CA ASN A 374 -23.59 -2.28 17.52
C ASN A 374 -23.33 -2.32 16.01
N GLU A 375 -23.58 -1.22 15.29
CA GLU A 375 -23.41 -1.25 13.83
C GLU A 375 -21.95 -1.22 13.36
N ALA A 376 -21.03 -0.93 14.27
CA ALA A 376 -19.60 -0.92 13.94
C ALA A 376 -18.90 -2.25 14.24
N VAL A 377 -19.29 -2.89 15.34
CA VAL A 377 -18.55 -4.04 15.88
C VAL A 377 -19.35 -5.34 15.86
N LYS A 378 -18.74 -6.37 15.28
CA LYS A 378 -19.29 -7.71 15.24
C LYS A 378 -18.24 -8.73 15.70
N VAL A 379 -18.62 -9.57 16.66
CA VAL A 379 -17.75 -10.63 17.17
C VAL A 379 -18.37 -11.97 16.80
N SER A 380 -17.57 -12.87 16.24
CA SER A 380 -18.07 -14.13 15.69
C SER A 380 -17.26 -15.35 16.09
N ALA A 381 -17.93 -16.52 16.12
CA ALA A 381 -17.26 -17.81 16.22
C ALA A 381 -17.93 -18.84 15.30
N ASN A 382 -17.13 -19.56 14.53
CA ASN A 382 -17.62 -20.65 13.68
C ASN A 382 -16.93 -21.94 14.09
N TYR A 383 -17.71 -23.01 14.23
CA TYR A 383 -17.16 -24.37 14.33
C TYR A 383 -17.37 -25.03 12.97
N VAL A 384 -16.31 -25.59 12.42
CA VAL A 384 -16.37 -26.23 11.11
C VAL A 384 -15.95 -27.69 11.18
N LYS A 385 -16.71 -28.55 10.52
CA LYS A 385 -16.36 -29.95 10.38
C LYS A 385 -16.29 -30.31 8.89
N ALA A 386 -15.13 -30.80 8.46
CA ALA A 386 -14.92 -31.17 7.05
C ALA A 386 -14.85 -32.69 6.85
N LYS A 387 -15.37 -33.14 5.72
CA LYS A 387 -15.28 -34.55 5.32
C LYS A 387 -14.96 -34.62 3.82
N THR A 388 -13.92 -35.38 3.48
CA THR A 388 -13.52 -35.52 2.08
C THR A 388 -13.62 -36.96 1.59
N ASP A 389 -13.61 -37.13 0.28
CA ASP A 389 -13.66 -38.44 -0.37
C ASP A 389 -12.68 -38.41 -1.55
N LYS A 390 -11.81 -39.43 -1.60
CA LYS A 390 -10.80 -39.60 -2.66
C LYS A 390 -9.63 -38.62 -2.54
N ILE A 391 -9.64 -37.82 -1.48
CA ILE A 391 -8.54 -36.90 -1.19
C ILE A 391 -8.32 -36.87 0.32
N SER A 392 -7.06 -36.78 0.73
CA SER A 392 -6.72 -36.77 2.15
C SER A 392 -5.50 -35.90 2.38
N ASN A 393 -5.10 -35.72 3.64
CA ASN A 393 -3.80 -35.14 3.93
C ASN A 393 -2.74 -36.24 3.86
N ALA A 394 -1.48 -35.90 4.14
CA ALA A 394 -0.38 -36.86 4.09
C ALA A 394 -0.49 -37.94 5.17
N ASN A 395 -1.17 -37.60 6.26
CA ASN A 395 -1.43 -38.50 7.37
C ASN A 395 -2.55 -39.51 7.06
N GLY A 396 -3.30 -39.23 6.00
CA GLY A 396 -4.38 -40.12 5.56
C GLY A 396 -5.75 -39.76 6.12
N ASP A 397 -5.85 -38.61 6.76
CA ASP A 397 -7.12 -38.13 7.34
C ASP A 397 -8.04 -37.60 6.25
N ASP A 398 -9.30 -38.02 6.29
CA ASP A 398 -10.33 -37.52 5.39
C ASP A 398 -11.37 -36.66 6.12
N SER A 399 -11.08 -36.32 7.37
CA SER A 399 -11.93 -35.43 8.14
C SER A 399 -11.11 -34.47 8.98
N GLY A 400 -11.66 -33.28 9.20
CA GLY A 400 -10.98 -32.23 9.94
C GLY A 400 -11.95 -31.43 10.76
N ASP A 401 -11.42 -30.74 11.78
CA ASP A 401 -12.21 -29.88 12.64
C ASP A 401 -11.53 -28.54 12.78
N GLY A 402 -12.32 -27.48 12.90
CA GLY A 402 -11.79 -26.16 13.11
C GLY A 402 -12.68 -25.31 13.99
N LEU A 403 -12.06 -24.37 14.70
CA LEU A 403 -12.78 -23.33 15.41
C LEU A 403 -12.10 -22.01 15.12
N VAL A 404 -12.86 -21.08 14.58
CA VAL A 404 -12.35 -19.76 14.23
C VAL A 404 -13.20 -18.66 14.88
N MET A 405 -12.52 -17.64 15.38
CA MET A 405 -13.20 -16.46 15.92
C MET A 405 -12.79 -15.21 15.15
N ARG A 406 -13.69 -14.23 15.09
CA ARG A 406 -13.39 -12.96 14.43
C ARG A 406 -13.86 -11.76 15.25
N LEU A 407 -13.02 -10.74 15.32
CA LEU A 407 -13.45 -9.42 15.74
C LEU A 407 -13.46 -8.55 14.48
N GLN A 408 -14.62 -7.97 14.17
CA GLN A 408 -14.77 -7.08 13.04
C GLN A 408 -15.12 -5.68 13.52
N TYR A 409 -14.46 -4.69 12.92
CA TYR A 409 -14.78 -3.29 13.17
C TYR A 409 -14.95 -2.63 11.81
N VAL A 410 -16.12 -2.03 11.59
CA VAL A 410 -16.38 -1.32 10.32
C VAL A 410 -16.59 0.17 10.58
N PHE A 411 -16.14 1.01 9.65
CA PHE A 411 -16.31 2.46 9.81
C PHE A 411 -16.59 3.14 8.47
N GLY B 1 -22.35 28.45 1.74
CA GLY B 1 -23.43 27.58 2.27
C GLY B 1 -23.16 27.10 3.69
N THR B 2 -24.17 26.44 4.27
CA THR B 2 -24.06 25.96 5.64
C THR B 2 -23.35 24.61 5.72
N VAL B 3 -22.83 24.30 6.90
CA VAL B 3 -22.32 22.97 7.19
C VAL B 3 -22.99 22.50 8.47
N THR B 4 -23.72 21.39 8.35
CA THR B 4 -24.49 20.84 9.47
C THR B 4 -24.29 19.33 9.55
N THR B 5 -24.86 18.73 10.61
CA THR B 5 -24.86 17.29 10.76
C THR B 5 -26.24 16.84 11.22
N ASP B 6 -26.61 15.60 10.92
CA ASP B 6 -27.92 15.11 11.35
C ASP B 6 -27.88 14.32 12.66
N GLY B 7 -26.67 14.14 13.21
CA GLY B 7 -26.49 13.53 14.53
C GLY B 7 -26.18 14.56 15.60
N ALA B 8 -25.42 14.15 16.62
CA ALA B 8 -24.99 15.05 17.69
C ALA B 8 -24.00 16.10 17.16
N ASP B 9 -23.86 17.21 17.87
CA ASP B 9 -22.97 18.30 17.44
C ASP B 9 -21.55 17.79 17.17
N ILE B 10 -20.94 18.32 16.12
CA ILE B 10 -19.59 17.93 15.72
C ILE B 10 -18.61 19.11 15.85
N VAL B 11 -17.40 18.81 16.27
CA VAL B 11 -16.30 19.77 16.22
C VAL B 11 -15.23 19.25 15.25
N ILE B 12 -14.78 20.12 14.34
CA ILE B 12 -13.71 19.73 13.42
C ILE B 12 -12.44 20.52 13.70
N LYS B 13 -11.30 19.92 13.38
CA LYS B 13 -10.00 20.50 13.64
C LYS B 13 -9.05 20.08 12.52
N THR B 14 -8.20 21.02 12.07
CA THR B 14 -7.08 20.66 11.20
C THR B 14 -5.80 21.37 11.64
N LYS B 15 -4.73 20.61 11.70
CA LYS B 15 -3.39 21.16 11.81
C LYS B 15 -2.50 20.55 10.71
N GLY B 16 -3.12 20.25 9.58
CA GLY B 16 -2.45 19.56 8.47
C GLY B 16 -3.13 18.24 8.14
N GLY B 17 -3.85 17.71 9.13
CA GLY B 17 -4.63 16.49 8.96
C GLY B 17 -6.09 16.80 9.24
N LEU B 18 -6.80 15.84 9.82
CA LEU B 18 -8.22 16.03 10.09
C LEU B 18 -8.71 15.29 11.33
N GLU B 19 -9.49 16.00 12.14
CA GLU B 19 -10.22 15.40 13.26
C GLU B 19 -11.67 15.86 13.19
N VAL B 20 -12.60 14.91 13.32
CA VAL B 20 -14.03 15.18 13.33
C VAL B 20 -14.59 14.37 14.50
N ALA B 21 -15.26 15.02 15.44
CA ALA B 21 -15.78 14.31 16.62
C ALA B 21 -17.08 14.89 17.12
N THR B 22 -17.99 14.01 17.55
CA THR B 22 -19.22 14.46 18.22
C THR B 22 -18.86 14.91 19.64
N THR B 23 -19.56 15.94 20.12
CA THR B 23 -19.23 16.52 21.43
C THR B 23 -19.73 15.68 22.61
N ASP B 24 -20.49 14.62 22.32
CA ASP B 24 -20.95 13.69 23.35
C ASP B 24 -19.98 12.50 23.55
N LYS B 25 -18.82 12.57 22.89
CA LYS B 25 -17.75 11.54 23.01
C LYS B 25 -18.12 10.19 22.38
N GLU B 26 -19.24 10.14 21.65
CA GLU B 26 -19.71 8.87 21.10
C GLU B 26 -18.98 8.43 19.83
N PHE B 27 -18.74 9.39 18.92
CA PHE B 27 -18.12 9.08 17.64
C PHE B 27 -16.98 10.05 17.31
N SER B 28 -15.92 9.52 16.70
CA SER B 28 -14.83 10.37 16.25
C SER B 28 -14.06 9.73 15.09
N PHE B 29 -13.37 10.58 14.34
CA PHE B 29 -12.48 10.14 13.28
C PHE B 29 -11.27 11.07 13.25
N LYS B 30 -10.09 10.47 13.14
CA LYS B 30 -8.84 11.21 13.04
C LYS B 30 -7.98 10.66 11.92
N LEU B 31 -7.65 11.51 10.95
CA LEU B 31 -6.71 11.18 9.89
C LEU B 31 -5.43 11.96 10.12
N GLY B 32 -4.32 11.24 10.24
CA GLY B 32 -3.02 11.85 10.44
C GLY B 32 -1.92 11.08 9.76
N GLY B 33 -0.69 11.36 10.17
CA GLY B 33 0.45 10.68 9.59
C GLY B 33 1.75 11.25 10.08
N ARG B 34 2.84 10.69 9.58
CA ARG B 34 4.16 11.18 9.92
C ARG B 34 5.08 10.85 8.76
N LEU B 35 5.93 11.80 8.41
CA LEU B 35 6.92 11.59 7.38
C LEU B 35 8.27 11.91 7.98
N GLN B 36 9.19 10.96 7.89
CA GLN B 36 10.54 11.12 8.41
C GLN B 36 11.51 10.89 7.26
N ALA B 37 12.12 11.96 6.76
CA ALA B 37 13.09 11.90 5.69
C ALA B 37 14.48 12.04 6.29
N ASP B 38 15.29 11.00 6.11
CA ASP B 38 16.64 10.94 6.67
C ASP B 38 17.70 11.01 5.58
N TYR B 39 18.81 11.68 5.91
CA TYR B 39 20.03 11.54 5.13
C TYR B 39 21.22 11.30 6.05
N GLY B 40 21.90 10.17 5.85
CA GLY B 40 23.05 9.80 6.66
C GLY B 40 24.31 9.54 5.85
N ARG B 41 25.45 9.81 6.47
CA ARG B 41 26.76 9.46 5.92
C ARG B 41 27.56 8.80 7.03
N PHE B 42 28.29 7.73 6.70
CA PHE B 42 28.90 6.88 7.75
C PHE B 42 30.07 6.08 7.17
N ASP B 43 31.03 5.72 8.03
CA ASP B 43 32.24 5.04 7.60
C ASP B 43 32.79 4.11 8.67
N GLY B 44 34.02 3.62 8.48
CA GLY B 44 34.64 2.70 9.41
C GLY B 44 33.83 1.41 9.53
N TYR B 45 33.62 0.98 10.77
CA TYR B 45 32.87 -0.24 11.09
C TYR B 45 31.53 -0.35 10.35
N TYR B 46 30.85 0.77 10.15
CA TYR B 46 29.52 0.83 9.53
C TYR B 46 29.46 0.32 8.09
N THR B 47 30.59 0.32 7.40
CA THR B 47 30.64 -0.18 6.03
C THR B 47 31.60 -1.37 5.91
N ASN B 48 31.45 -2.15 4.85
CA ASN B 48 32.27 -3.36 4.68
C ASN B 48 33.75 -3.05 4.40
N ASN B 49 34.02 -2.03 3.59
CA ASN B 49 35.41 -1.68 3.26
C ASN B 49 35.96 -0.52 4.10
N GLY B 50 35.10 0.07 4.93
CA GLY B 50 35.51 1.16 5.83
C GLY B 50 35.40 2.55 5.21
N ASN B 51 35.11 2.62 3.92
CA ASN B 51 34.93 3.91 3.24
C ASN B 51 33.54 4.49 3.53
N THR B 52 33.34 5.75 3.14
CA THR B 52 32.07 6.45 3.39
C THR B 52 30.95 6.02 2.45
N ALA B 53 29.85 5.56 3.05
CA ALA B 53 28.61 5.29 2.34
C ALA B 53 27.58 6.32 2.75
N ASP B 54 26.45 6.36 2.05
CA ASP B 54 25.36 7.21 2.48
C ASP B 54 24.00 6.51 2.36
N ALA B 55 22.97 7.19 2.84
CA ALA B 55 21.62 6.66 2.78
C ALA B 55 20.64 7.81 2.83
N ALA B 56 19.82 7.93 1.79
CA ALA B 56 18.71 8.87 1.73
C ALA B 56 17.42 8.06 1.62
N TYR B 57 16.53 8.18 2.60
CA TYR B 57 15.37 7.30 2.70
C TYR B 57 14.34 7.89 3.64
N PHE B 58 13.08 7.51 3.48
CA PHE B 58 12.09 7.75 4.53
C PHE B 58 12.20 6.67 5.59
N ARG B 59 12.52 7.08 6.82
CA ARG B 59 12.56 6.16 7.96
C ARG B 59 11.16 5.61 8.25
N ARG B 60 10.17 6.48 8.08
CA ARG B 60 8.76 6.18 8.28
C ARG B 60 7.97 7.09 7.36
N ALA B 61 6.86 6.57 6.84
CA ALA B 61 5.90 7.36 6.09
C ALA B 61 4.55 6.74 6.39
N TYR B 62 3.94 7.13 7.51
CA TYR B 62 2.70 6.49 7.94
C TYR B 62 1.52 7.31 7.49
N LEU B 63 0.49 6.62 7.02
CA LEU B 63 -0.86 7.18 6.99
C LEU B 63 -1.62 6.52 8.14
N GLU B 64 -2.34 7.36 8.89
CA GLU B 64 -2.92 6.97 10.18
C GLU B 64 -4.40 7.27 10.21
N PHE B 65 -5.20 6.22 10.37
CA PHE B 65 -6.66 6.33 10.45
C PHE B 65 -7.12 5.73 11.77
N GLY B 66 -7.82 6.54 12.55
CA GLY B 66 -8.29 6.10 13.85
C GLY B 66 -9.65 6.73 14.13
N GLY B 67 -10.37 6.13 15.05
CA GLY B 67 -11.69 6.61 15.39
C GLY B 67 -12.31 5.90 16.56
N THR B 68 -13.50 6.38 16.94
CA THR B 68 -14.30 5.87 18.04
C THR B 68 -15.72 5.69 17.53
N ALA B 69 -16.36 4.61 17.95
CA ALA B 69 -17.78 4.40 17.69
C ALA B 69 -18.48 3.91 18.94
N TYR B 70 -19.68 4.43 19.18
CA TYR B 70 -20.51 4.01 20.32
C TYR B 70 -19.74 4.13 21.64
N ARG B 71 -18.97 5.21 21.74
CA ARG B 71 -18.21 5.59 22.93
C ARG B 71 -17.02 4.69 23.29
N ASP B 72 -17.24 3.39 23.34
CA ASP B 72 -16.31 2.47 24.01
C ASP B 72 -15.45 1.63 23.05
N TRP B 73 -15.68 1.79 21.75
CA TRP B 73 -14.95 1.00 20.74
C TRP B 73 -14.08 1.86 19.84
N LYS B 74 -12.77 1.68 19.96
CA LYS B 74 -11.81 2.47 19.18
C LYS B 74 -11.07 1.57 18.18
N TYR B 75 -10.64 2.16 17.06
CA TYR B 75 -9.74 1.49 16.13
C TYR B 75 -8.57 2.42 15.80
N GLN B 76 -7.47 1.81 15.38
CA GLN B 76 -6.30 2.54 14.87
C GLN B 76 -5.59 1.70 13.81
N ILE B 77 -5.56 2.23 12.59
CA ILE B 77 -4.86 1.59 11.47
C ILE B 77 -3.78 2.52 10.91
N ASN B 78 -2.52 2.19 11.20
CA ASN B 78 -1.36 2.93 10.71
C ASN B 78 -0.59 2.11 9.68
N TYR B 79 -0.51 2.61 8.45
CA TYR B 79 0.19 1.88 7.38
C TYR B 79 1.49 2.57 6.97
N ASP B 80 2.57 1.80 6.87
CA ASP B 80 3.89 2.34 6.54
C ASP B 80 4.18 2.25 5.04
N LEU B 81 3.96 3.37 4.36
CA LEU B 81 4.29 3.51 2.93
C LEU B 81 5.79 3.37 2.64
N SER B 82 6.64 3.59 3.64
CA SER B 82 8.10 3.48 3.47
C SER B 82 8.62 2.03 3.54
N ARG B 83 7.75 1.11 3.94
CA ARG B 83 8.04 -0.34 3.93
C ARG B 83 9.08 -0.75 4.98
N ASN B 84 9.17 0.03 6.07
CA ASN B 84 10.16 -0.26 7.11
C ASN B 84 9.65 -1.11 8.28
N VAL B 85 8.36 -1.35 8.35
CA VAL B 85 7.77 -2.26 9.33
C VAL B 85 6.74 -3.13 8.61
N GLY B 86 6.71 -4.41 8.98
CA GLY B 86 5.82 -5.37 8.32
C GLY B 86 6.45 -5.90 7.06
N ASN B 87 5.64 -6.61 6.26
CA ASN B 87 6.10 -7.20 4.99
C ASN B 87 4.93 -7.34 4.02
N ASP B 88 5.17 -7.88 2.83
CA ASP B 88 4.11 -7.92 1.82
C ASP B 88 3.22 -9.16 1.93
N SER B 89 3.40 -9.96 2.98
CA SER B 89 2.52 -11.09 3.29
C SER B 89 1.55 -10.75 4.41
N ALA B 90 2.09 -10.30 5.54
CA ALA B 90 1.28 -9.91 6.71
C ALA B 90 0.72 -8.51 6.58
N GLY B 91 1.38 -7.67 5.78
CA GLY B 91 1.00 -6.26 5.62
C GLY B 91 2.04 -5.33 6.25
N TYR B 92 2.15 -4.12 5.71
CA TYR B 92 3.09 -3.11 6.21
C TYR B 92 2.48 -2.24 7.32
N PHE B 93 2.02 -2.90 8.38
CA PHE B 93 1.33 -2.21 9.47
C PHE B 93 2.29 -1.73 10.55
N ASP B 94 2.19 -0.44 10.87
CA ASP B 94 2.67 0.04 12.16
C ASP B 94 1.66 -0.39 13.26
N GLU B 95 0.37 -0.28 12.95
CA GLU B 95 -0.67 -0.72 13.87
C GLU B 95 -1.95 -1.05 13.11
N ALA B 96 -2.67 -2.05 13.60
CA ALA B 96 -4.03 -2.34 13.17
C ALA B 96 -4.72 -2.95 14.37
N SER B 97 -5.42 -2.12 15.13
CA SER B 97 -5.93 -2.55 16.43
C SER B 97 -7.35 -2.08 16.69
N VAL B 98 -8.02 -2.78 17.59
CA VAL B 98 -9.32 -2.40 18.12
C VAL B 98 -9.17 -2.37 19.64
N THR B 99 -9.61 -1.27 20.25
CA THR B 99 -9.55 -1.12 21.69
C THR B 99 -10.97 -0.97 22.25
N TYR B 100 -11.28 -1.79 23.25
CA TYR B 100 -12.52 -1.65 24.01
C TYR B 100 -12.21 -1.02 25.36
N THR B 101 -12.89 0.08 25.66
CA THR B 101 -12.59 0.88 26.84
C THR B 101 -13.68 0.81 27.92
N GLY B 102 -14.70 -0.04 27.70
CA GLY B 102 -15.86 -0.14 28.59
C GLY B 102 -15.59 -0.62 30.02
N PHE B 103 -14.50 -1.37 30.19
CA PHE B 103 -14.05 -1.83 31.51
C PHE B 103 -13.09 -0.82 32.17
N ASN B 104 -13.10 0.42 31.67
CA ASN B 104 -12.35 1.53 32.24
C ASN B 104 -12.34 1.49 33.79
N PRO B 105 -11.16 1.58 34.42
CA PRO B 105 -9.83 1.95 33.91
C PRO B 105 -9.09 0.87 33.08
N VAL B 106 -9.59 -0.35 33.04
CA VAL B 106 -8.92 -1.41 32.25
C VAL B 106 -9.27 -1.26 30.77
N ASN B 107 -8.25 -1.25 29.92
CA ASN B 107 -8.44 -1.22 28.47
C ASN B 107 -8.03 -2.54 27.86
N LEU B 108 -8.81 -2.98 26.86
CA LEU B 108 -8.50 -4.21 26.14
C LEU B 108 -8.20 -3.89 24.69
N LYS B 109 -7.02 -4.29 24.22
CA LYS B 109 -6.57 -4.01 22.86
C LYS B 109 -6.37 -5.32 22.11
N PHE B 110 -6.85 -5.37 20.86
CA PHE B 110 -6.81 -6.58 20.03
C PHE B 110 -6.21 -6.23 18.68
N GLY B 111 -5.38 -7.13 18.17
CA GLY B 111 -4.88 -6.97 16.82
C GLY B 111 -3.37 -6.89 16.76
N ARG B 112 -2.89 -6.07 15.84
CA ARG B 112 -1.45 -5.93 15.60
C ARG B 112 -0.98 -4.61 16.21
N PHE B 113 -0.10 -4.73 17.19
CA PHE B 113 0.46 -3.61 17.94
C PHE B 113 1.78 -4.08 18.50
N TYR B 114 2.65 -3.15 18.87
CA TYR B 114 3.91 -3.54 19.52
C TYR B 114 3.61 -3.95 20.96
N THR B 115 4.13 -5.12 21.34
CA THR B 115 4.01 -5.57 22.73
C THR B 115 4.81 -4.63 23.64
N ASP B 116 4.31 -4.42 24.85
CA ASP B 116 4.78 -3.34 25.72
C ASP B 116 5.97 -3.79 26.59
N PHE B 117 7.17 -3.41 26.13
CA PHE B 117 8.43 -3.66 26.82
C PHE B 117 9.35 -2.49 26.48
N GLY B 118 9.61 -1.62 27.46
CA GLY B 118 10.59 -0.56 27.28
C GLY B 118 9.99 0.83 27.10
N LEU B 119 10.49 1.77 27.89
CA LEU B 119 10.06 3.18 27.84
C LEU B 119 10.27 3.82 26.46
N GLU B 120 11.45 3.63 25.88
CA GLU B 120 11.77 4.27 24.61
C GLU B 120 10.90 3.71 23.48
N LYS B 121 10.55 2.43 23.58
CA LYS B 121 9.66 1.81 22.59
C LYS B 121 8.21 2.26 22.76
N ALA B 122 7.78 2.48 24.01
CA ALA B 122 6.43 2.97 24.32
C ALA B 122 6.22 4.41 23.83
N THR B 123 7.29 5.18 23.87
CA THR B 123 7.33 6.54 23.34
C THR B 123 7.08 6.53 21.83
N SER B 124 6.14 7.35 21.39
CA SER B 124 5.83 7.50 19.97
C SER B 124 7.09 7.74 19.15
N SER B 125 7.23 7.07 18.01
CA SER B 125 8.38 7.31 17.12
C SER B 125 8.44 8.74 16.58
N LYS B 126 7.35 9.48 16.69
CA LYS B 126 7.38 10.92 16.36
C LYS B 126 8.26 11.69 17.36
N TRP B 127 8.31 11.20 18.60
CA TRP B 127 8.86 11.97 19.72
C TRP B 127 10.04 11.31 20.44
N VAL B 128 10.47 10.14 19.96
CA VAL B 128 11.72 9.54 20.42
C VAL B 128 12.83 10.58 20.20
N THR B 129 13.62 10.84 21.24
CA THR B 129 14.60 11.92 21.25
C THR B 129 15.70 11.73 20.20
N ALA B 130 16.29 10.55 20.18
CA ALA B 130 17.30 10.19 19.20
C ALA B 130 16.65 9.77 17.89
N LEU B 131 17.43 9.83 16.81
CA LEU B 131 16.91 9.47 15.48
C LEU B 131 16.66 7.97 15.34
N GLU B 132 17.39 7.17 16.11
CA GLU B 132 17.13 5.74 16.17
C GLU B 132 17.00 5.31 17.64
N ARG B 133 16.20 4.29 17.89
CA ARG B 133 16.02 3.75 19.24
C ARG B 133 17.28 3.00 19.68
N ASN B 134 17.37 2.69 20.97
CA ASN B 134 18.60 2.18 21.58
C ASN B 134 18.99 0.76 21.15
N LEU B 135 20.27 0.43 21.38
CA LEU B 135 20.87 -0.84 20.98
C LEU B 135 20.33 -2.07 21.70
N THR B 136 19.74 -1.92 22.89
CA THR B 136 19.25 -3.09 23.62
C THR B 136 18.07 -3.73 22.91
N TYR B 137 17.30 -2.95 22.15
CA TYR B 137 16.20 -3.55 21.39
C TYR B 137 16.72 -4.39 20.22
N ASP B 138 17.94 -4.10 19.76
CA ASP B 138 18.59 -4.89 18.70
C ASP B 138 18.93 -6.30 19.17
N ILE B 139 19.17 -6.47 20.47
CA ILE B 139 19.56 -7.77 21.04
C ILE B 139 18.39 -8.60 21.58
N ALA B 140 17.20 -8.03 21.52
CA ALA B 140 15.98 -8.72 21.96
C ALA B 140 14.80 -8.18 21.16
N ASP B 141 14.91 -8.29 19.83
CA ASP B 141 13.97 -7.70 18.86
C ASP B 141 12.51 -8.07 19.11
N TRP B 142 12.30 -9.30 19.58
CA TRP B 142 10.96 -9.86 19.65
C TRP B 142 10.12 -9.34 20.81
N VAL B 143 10.76 -8.77 21.84
CA VAL B 143 10.05 -8.41 23.07
C VAL B 143 9.02 -7.29 22.90
N ASN B 144 9.24 -6.43 21.91
CA ASN B 144 8.37 -5.28 21.65
C ASN B 144 8.09 -5.01 20.16
N ASP B 145 8.22 -6.05 19.33
CA ASP B 145 7.86 -5.92 17.92
C ASP B 145 6.33 -6.10 17.74
N ASN B 146 5.81 -5.80 16.55
CA ASN B 146 4.41 -6.04 16.25
C ASN B 146 4.21 -7.17 15.23
N VAL B 147 5.16 -8.11 15.21
CA VAL B 147 5.21 -9.13 14.15
C VAL B 147 4.33 -10.29 14.59
N GLY B 148 3.02 -10.05 14.56
CA GLY B 148 2.03 -11.02 15.01
C GLY B 148 0.72 -10.33 15.36
N THR B 149 -0.14 -11.04 16.08
CA THR B 149 -1.48 -10.56 16.40
C THR B 149 -1.81 -11.05 17.81
N GLY B 150 -2.37 -10.19 18.64
CA GLY B 150 -2.61 -10.56 20.03
C GLY B 150 -3.67 -9.79 20.78
N ILE B 151 -3.65 -9.95 22.10
CA ILE B 151 -4.58 -9.26 22.99
C ILE B 151 -3.79 -8.67 24.15
N GLN B 152 -4.07 -7.42 24.48
CA GLN B 152 -3.37 -6.73 25.56
C GLN B 152 -4.39 -6.13 26.53
N ALA B 153 -4.10 -6.28 27.82
CA ALA B 153 -4.83 -5.56 28.86
C ALA B 153 -3.89 -4.56 29.51
N SER B 154 -4.41 -3.37 29.81
CA SER B 154 -3.61 -2.34 30.46
C SER B 154 -4.48 -1.44 31.34
N SER B 155 -3.84 -0.81 32.32
CA SER B 155 -4.54 0.05 33.26
C SER B 155 -3.58 0.97 33.98
N VAL B 156 -4.00 2.23 34.14
CA VAL B 156 -3.43 3.10 35.16
C VAL B 156 -3.99 2.58 36.50
N VAL B 157 -3.11 2.42 37.48
CA VAL B 157 -3.50 1.88 38.79
C VAL B 157 -3.22 2.89 39.89
N GLY B 158 -4.27 3.28 40.61
CA GLY B 158 -4.18 4.19 41.76
C GLY B 158 -3.57 5.56 41.50
N GLY B 159 -3.69 6.04 40.26
CA GLY B 159 -3.13 7.33 39.85
C GLY B 159 -1.62 7.50 39.99
N MET B 160 -0.91 6.41 40.28
CA MET B 160 0.54 6.45 40.53
C MET B 160 1.33 5.39 39.74
N ALA B 161 0.61 4.50 39.05
CA ALA B 161 1.26 3.34 38.42
C ALA B 161 0.60 2.91 37.11
N PHE B 162 1.36 2.17 36.29
CA PHE B 162 0.84 1.62 35.05
C PHE B 162 1.21 0.16 34.89
N LEU B 163 0.24 -0.66 34.49
CA LEU B 163 0.45 -2.10 34.24
C LEU B 163 -0.09 -2.51 32.89
N SER B 164 0.65 -3.37 32.19
CA SER B 164 0.16 -3.96 30.97
C SER B 164 0.62 -5.40 30.85
N GLY B 165 -0.14 -6.17 30.09
CA GLY B 165 0.21 -7.56 29.82
C GLY B 165 -0.48 -8.02 28.57
N SER B 166 0.19 -8.90 27.84
CA SER B 166 -0.36 -9.42 26.59
C SER B 166 0.02 -10.87 26.32
N VAL B 167 -0.80 -11.50 25.50
CA VAL B 167 -0.44 -12.74 24.82
C VAL B 167 -0.47 -12.41 23.32
N PHE B 168 0.52 -12.89 22.59
CA PHE B 168 0.72 -12.48 21.20
C PHE B 168 1.01 -13.72 20.38
N SER B 169 0.23 -13.94 19.32
CA SER B 169 0.53 -15.02 18.36
C SER B 169 1.60 -14.52 17.39
N GLU B 170 2.83 -14.98 17.58
CA GLU B 170 3.95 -14.60 16.71
C GLU B 170 3.82 -15.24 15.33
N ASN B 171 4.41 -14.58 14.32
CA ASN B 171 4.45 -15.12 12.97
C ASN B 171 5.56 -16.18 12.81
N ASN B 172 5.88 -16.84 13.91
CA ASN B 172 6.78 -17.99 13.95
C ASN B 172 5.97 -19.26 14.26
N ASN B 173 6.26 -20.34 13.55
CA ASN B 173 5.50 -21.60 13.70
C ASN B 173 6.33 -22.71 14.32
N ASP B 174 5.66 -23.60 15.06
CA ASP B 174 6.30 -24.89 15.38
C ASP B 174 6.06 -25.85 14.21
N THR B 175 6.52 -27.09 14.35
CA THR B 175 6.44 -28.09 13.27
C THR B 175 4.99 -28.44 12.89
N ASP B 176 4.06 -28.21 13.81
CA ASP B 176 2.63 -28.43 13.54
C ASP B 176 1.94 -27.20 12.93
N GLY B 177 2.68 -26.12 12.71
CA GLY B 177 2.11 -24.86 12.21
C GLY B 177 1.32 -24.13 13.27
N ASP B 178 1.60 -24.43 14.53
CA ASP B 178 1.03 -23.72 15.66
C ASP B 178 1.98 -22.57 16.00
N SER B 179 1.43 -21.36 16.13
CA SER B 179 2.23 -20.15 16.37
C SER B 179 2.93 -20.14 17.73
N VAL B 180 4.15 -19.61 17.75
CA VAL B 180 4.85 -19.34 18.99
C VAL B 180 4.00 -18.32 19.74
N LYS B 181 3.76 -18.57 21.04
CA LYS B 181 2.94 -17.66 21.84
C LYS B 181 3.83 -16.82 22.74
N ARG B 182 3.72 -15.51 22.59
CA ARG B 182 4.55 -14.57 23.29
C ARG B 182 3.77 -13.94 24.45
N TYR B 183 4.40 -13.90 25.62
CA TYR B 183 3.79 -13.38 26.83
C TYR B 183 4.60 -12.18 27.31
N ASN B 184 3.91 -11.07 27.59
CA ASN B 184 4.53 -9.84 28.03
C ASN B 184 3.87 -9.29 29.28
N LEU B 185 4.69 -8.74 30.16
CA LEU B 185 4.21 -8.01 31.33
C LEU B 185 5.06 -6.76 31.50
N ARG B 186 4.45 -5.68 31.93
CA ARG B 186 5.19 -4.46 32.23
C ARG B 186 4.49 -3.74 33.37
N GLY B 187 5.27 -3.27 34.34
CA GLY B 187 4.75 -2.51 35.46
C GLY B 187 5.65 -1.33 35.76
N VAL B 188 5.05 -0.15 35.88
CA VAL B 188 5.78 1.08 36.15
C VAL B 188 5.19 1.79 37.35
N PHE B 189 6.05 2.09 38.33
CA PHE B 189 5.69 2.98 39.43
C PHE B 189 6.15 4.38 39.07
N ALA B 190 5.19 5.29 38.89
CA ALA B 190 5.50 6.68 38.57
C ALA B 190 4.78 7.65 39.53
N PRO B 191 5.30 7.80 40.76
CA PRO B 191 4.62 8.65 41.75
C PRO B 191 4.55 10.11 41.32
N LEU B 192 5.48 10.52 40.45
CA LEU B 192 5.44 11.83 39.81
C LEU B 192 5.43 11.61 38.30
N HIS B 193 4.42 12.17 37.63
CA HIS B 193 4.13 11.81 36.24
C HIS B 193 3.60 13.01 35.42
N GLU B 194 4.18 14.18 35.63
CA GLU B 194 3.78 15.36 34.88
C GLU B 194 4.97 15.88 34.08
N PRO B 195 4.71 16.63 32.99
CA PRO B 195 5.82 17.23 32.22
C PRO B 195 6.77 18.01 33.13
N GLY B 196 8.05 17.68 33.09
CA GLY B 196 9.05 18.35 33.91
C GLY B 196 9.02 17.96 35.38
N ASN B 197 8.27 16.91 35.70
CA ASN B 197 8.16 16.40 37.07
C ASN B 197 7.86 14.90 37.03
N VAL B 198 8.89 14.12 36.72
CA VAL B 198 8.77 12.68 36.50
C VAL B 198 9.73 11.90 37.39
N VAL B 199 9.20 10.89 38.07
CA VAL B 199 9.99 9.84 38.72
C VAL B 199 9.35 8.52 38.28
N HIS B 200 10.10 7.72 37.54
CA HIS B 200 9.58 6.57 36.81
C HIS B 200 10.49 5.37 37.09
N LEU B 201 9.92 4.30 37.65
CA LEU B 201 10.63 3.04 37.89
C LEU B 201 9.83 1.89 37.30
N GLY B 202 10.45 1.14 36.39
CA GLY B 202 9.74 0.11 35.64
C GLY B 202 10.41 -1.26 35.64
N LEU B 203 9.57 -2.28 35.58
CA LEU B 203 10.03 -3.66 35.44
C LEU B 203 9.23 -4.30 34.33
N GLN B 204 9.90 -5.09 33.50
CA GLN B 204 9.28 -5.73 32.36
C GLN B 204 9.85 -7.12 32.11
N TYR B 205 8.99 -8.00 31.60
CA TYR B 205 9.31 -9.39 31.37
C TYR B 205 8.65 -9.87 30.08
N ALA B 206 9.36 -10.71 29.34
CA ALA B 206 8.85 -11.29 28.11
C ALA B 206 9.31 -12.74 28.05
N TYR B 207 8.42 -13.60 27.57
CA TYR B 207 8.69 -15.04 27.50
C TYR B 207 8.02 -15.65 26.28
N ARG B 208 8.71 -16.60 25.66
CA ARG B 208 8.12 -17.46 24.63
C ARG B 208 8.71 -18.87 24.67
N ASP B 209 7.85 -19.87 24.56
CA ASP B 209 8.25 -21.26 24.43
C ASP B 209 8.61 -21.50 22.95
N LEU B 210 9.83 -21.96 22.70
CA LEU B 210 10.35 -22.13 21.34
C LEU B 210 10.52 -23.59 20.94
N GLU B 211 9.97 -24.49 21.75
CA GLU B 211 10.07 -25.93 21.49
C GLU B 211 9.56 -26.29 20.10
N ASP B 212 10.43 -26.90 19.30
CA ASP B 212 10.14 -27.36 17.94
C ASP B 212 9.70 -26.23 16.99
N SER B 213 10.23 -25.03 17.22
CA SER B 213 9.81 -23.85 16.47
C SER B 213 10.96 -23.25 15.68
N ALA B 214 10.66 -22.73 14.50
CA ALA B 214 11.64 -22.09 13.64
C ALA B 214 11.60 -20.58 13.85
N VAL B 215 12.65 -20.05 14.49
CA VAL B 215 12.71 -18.63 14.83
C VAL B 215 14.09 -18.07 14.53
N ASP B 216 14.13 -16.97 13.79
CA ASP B 216 15.36 -16.23 13.52
C ASP B 216 15.87 -15.60 14.82
N THR B 217 17.02 -16.06 15.29
CA THR B 217 17.62 -15.53 16.51
C THR B 217 18.91 -14.74 16.22
N ARG B 218 19.21 -14.52 14.95
CA ARG B 218 20.38 -13.73 14.56
C ARG B 218 20.29 -12.33 15.19
N ILE B 219 21.34 -11.95 15.91
CA ILE B 219 21.41 -10.61 16.50
C ILE B 219 22.34 -9.79 15.61
N ARG B 220 21.74 -8.88 14.85
CA ARG B 220 22.46 -8.10 13.86
C ARG B 220 22.22 -6.60 14.06
N PRO B 221 22.87 -6.01 15.09
CA PRO B 221 22.62 -4.59 15.38
C PRO B 221 23.19 -3.70 14.27
N ARG B 222 22.45 -2.66 13.90
CA ARG B 222 22.97 -1.65 12.97
C ARG B 222 23.96 -0.71 13.66
N MET B 223 24.04 -0.82 14.99
CA MET B 223 25.01 -0.07 15.79
C MET B 223 24.79 1.45 15.75
N GLY B 224 23.54 1.86 15.62
CA GLY B 224 23.16 3.25 15.74
C GLY B 224 23.04 4.04 14.45
N MET B 225 23.26 3.38 13.31
CA MET B 225 23.14 3.99 11.97
C MET B 225 22.18 3.17 11.12
N ARG B 226 20.95 3.68 10.96
CA ARG B 226 19.91 3.00 10.19
C ARG B 226 20.34 2.74 8.75
N GLY B 227 21.04 3.70 8.16
CA GLY B 227 21.40 3.67 6.74
C GLY B 227 22.28 2.52 6.27
N VAL B 228 22.83 1.74 7.20
CA VAL B 228 23.61 0.57 6.78
C VAL B 228 22.71 -0.42 6.01
N SER B 229 21.43 -0.46 6.37
CA SER B 229 20.46 -1.35 5.74
C SER B 229 19.05 -0.89 6.08
N THR B 230 18.32 -0.39 5.09
CA THR B 230 17.00 0.14 5.34
C THR B 230 16.15 0.23 4.07
N ASN B 231 14.84 0.14 4.27
CA ASN B 231 13.88 0.43 3.21
C ASN B 231 13.56 1.93 3.18
N GLY B 232 12.76 2.35 2.20
CA GLY B 232 12.27 3.72 2.16
C GLY B 232 13.04 4.64 1.23
N GLY B 233 14.06 4.14 0.53
CA GLY B 233 14.81 4.97 -0.40
C GLY B 233 16.05 4.29 -0.91
N ASN B 234 17.20 4.71 -0.41
CA ASN B 234 18.45 3.99 -0.67
C ASN B 234 19.28 3.81 0.59
N ASP B 235 20.24 2.90 0.55
CA ASP B 235 21.12 2.65 1.68
C ASP B 235 22.53 2.31 1.20
N ALA B 236 23.36 1.83 2.11
CA ALA B 236 24.76 1.51 1.81
C ALA B 236 24.89 0.31 0.88
N GLY B 237 23.78 -0.39 0.65
CA GLY B 237 23.72 -1.54 -0.24
C GLY B 237 24.75 -2.61 0.09
N SER B 238 25.52 -3.02 -0.91
CA SER B 238 26.53 -4.06 -0.74
C SER B 238 27.73 -3.64 0.11
N ASN B 239 27.81 -2.35 0.44
CA ASN B 239 28.86 -1.87 1.35
C ASN B 239 28.35 -1.60 2.78
N GLY B 240 27.13 -2.00 3.10
CA GLY B 240 26.60 -1.82 4.44
C GLY B 240 26.97 -2.97 5.35
N ASN B 241 27.58 -2.67 6.48
CA ASN B 241 27.93 -3.69 7.46
C ASN B 241 26.88 -3.75 8.57
N ARG B 242 26.10 -4.82 8.55
CA ARG B 242 25.18 -5.10 9.63
C ARG B 242 25.72 -6.40 10.23
N GLY B 243 26.58 -6.24 11.24
CA GLY B 243 27.39 -7.35 11.75
C GLY B 243 26.61 -8.35 12.57
N LEU B 244 26.95 -9.63 12.39
CA LEU B 244 26.31 -10.70 13.17
C LEU B 244 27.03 -10.86 14.51
N PHE B 245 26.36 -10.47 15.59
CA PHE B 245 26.92 -10.61 16.95
C PHE B 245 26.78 -12.05 17.47
N GLY B 246 25.75 -12.76 17.01
CA GLY B 246 25.51 -14.14 17.43
C GLY B 246 24.09 -14.59 17.09
N GLY B 247 23.73 -15.81 17.48
CA GLY B 247 22.41 -16.33 17.15
C GLY B 247 22.42 -17.09 15.83
N SER B 248 21.26 -17.64 15.46
CA SER B 248 21.16 -18.56 14.32
C SER B 248 19.95 -18.26 13.46
N SER B 249 19.97 -18.75 12.23
CA SER B 249 18.82 -18.61 11.33
C SER B 249 17.64 -19.46 11.82
N ALA B 250 16.47 -19.28 11.19
CA ALA B 250 15.23 -19.93 11.64
C ALA B 250 15.20 -21.42 11.31
N VAL B 251 15.61 -22.24 12.26
CA VAL B 251 15.61 -23.69 12.11
C VAL B 251 14.87 -24.32 13.28
N GLU B 252 13.91 -25.21 12.98
CA GLU B 252 13.10 -25.88 13.99
C GLU B 252 13.93 -26.77 14.92
N GLY B 253 13.75 -26.58 16.23
CA GLY B 253 14.36 -27.44 17.24
C GLY B 253 15.71 -27.05 17.83
N LEU B 254 16.20 -25.85 17.51
CA LEU B 254 17.47 -25.38 18.09
C LEU B 254 17.33 -24.94 19.55
N TRP B 255 16.13 -24.50 19.93
CA TRP B 255 15.91 -23.83 21.22
C TRP B 255 14.72 -24.36 22.02
N LYS B 256 14.79 -24.23 23.34
CA LYS B 256 13.70 -24.59 24.25
C LYS B 256 12.78 -23.40 24.50
N ASP B 257 13.37 -22.28 24.92
CA ASP B 257 12.61 -21.06 25.20
C ASP B 257 13.49 -19.80 25.22
N ASP B 258 12.85 -18.66 25.41
CA ASP B 258 13.48 -17.34 25.29
C ASP B 258 12.85 -16.47 26.37
N SER B 259 13.69 -15.93 27.26
CA SER B 259 13.23 -15.12 28.39
C SER B 259 14.02 -13.82 28.45
N VAL B 260 13.31 -12.72 28.72
CA VAL B 260 13.95 -11.41 28.83
C VAL B 260 13.41 -10.67 30.06
N TRP B 261 14.31 -10.17 30.89
CA TRP B 261 13.96 -9.30 32.01
C TRP B 261 14.52 -7.91 31.73
N GLY B 262 13.74 -6.88 32.09
CA GLY B 262 14.17 -5.50 31.90
C GLY B 262 13.87 -4.60 33.10
N LEU B 263 14.80 -3.69 33.38
CA LEU B 263 14.65 -2.66 34.40
C LEU B 263 14.82 -1.30 33.75
N GLU B 264 13.99 -0.34 34.15
CA GLU B 264 14.08 1.01 33.61
C GLU B 264 13.82 2.10 34.65
N GLY B 265 14.42 3.25 34.42
CA GLY B 265 14.21 4.43 35.26
C GLY B 265 14.16 5.66 34.40
N ALA B 266 13.38 6.64 34.82
CA ALA B 266 13.35 7.94 34.16
C ALA B 266 13.09 9.02 35.19
N TRP B 267 13.69 10.18 34.95
CA TRP B 267 13.56 11.33 35.83
C TRP B 267 13.53 12.58 34.98
N ALA B 268 12.63 13.49 35.31
CA ALA B 268 12.56 14.79 34.67
C ALA B 268 12.35 15.88 35.69
N LEU B 269 13.11 16.95 35.53
CA LEU B 269 12.93 18.16 36.30
C LEU B 269 13.04 19.32 35.32
N GLY B 270 11.91 19.98 35.07
CA GLY B 270 11.81 21.04 34.08
C GLY B 270 12.24 20.58 32.70
N ALA B 271 13.17 21.31 32.10
CA ALA B 271 13.64 21.04 30.75
C ALA B 271 14.68 19.91 30.68
N PHE B 272 15.13 19.42 31.83
CA PHE B 272 16.09 18.30 31.89
C PHE B 272 15.42 16.95 32.15
N SER B 273 15.85 15.92 31.41
CA SER B 273 15.42 14.56 31.67
C SER B 273 16.56 13.56 31.52
N ALA B 274 16.50 12.50 32.31
CA ALA B 274 17.41 11.38 32.22
C ALA B 274 16.59 10.09 32.19
N GLN B 275 16.98 9.16 31.32
CA GLN B 275 16.31 7.87 31.27
C GLN B 275 17.28 6.76 30.91
N ALA B 276 17.02 5.57 31.45
CA ALA B 276 17.90 4.43 31.26
C ALA B 276 17.12 3.13 31.29
N GLU B 277 17.54 2.17 30.45
CA GLU B 277 16.94 0.85 30.45
C GLU B 277 18.04 -0.19 30.44
N TYR B 278 17.83 -1.26 31.21
CA TYR B 278 18.71 -2.41 31.23
C TYR B 278 17.91 -3.66 30.91
N LEU B 279 18.45 -4.54 30.07
CA LEU B 279 17.83 -5.83 29.83
C LEU B 279 18.81 -6.99 29.79
N ARG B 280 18.29 -8.17 30.15
CA ARG B 280 19.04 -9.41 30.12
C ARG B 280 18.19 -10.49 29.45
N ARG B 281 18.79 -11.18 28.49
CA ARG B 281 18.10 -12.20 27.69
C ARG B 281 18.82 -13.54 27.75
N THR B 282 18.04 -14.62 27.88
CA THR B 282 18.56 -15.97 27.70
C THR B 282 17.65 -16.76 26.78
N VAL B 283 18.24 -17.32 25.73
CA VAL B 283 17.58 -18.31 24.88
C VAL B 283 18.17 -19.66 25.27
N LYS B 284 17.35 -20.53 25.86
CA LYS B 284 17.83 -21.85 26.29
C LYS B 284 17.92 -22.77 25.08
N ALA B 285 19.10 -23.36 24.89
CA ALA B 285 19.35 -24.25 23.76
C ALA B 285 18.84 -25.67 24.01
N GLU B 286 18.60 -26.39 22.91
CA GLU B 286 18.32 -27.81 22.96
C GLU B 286 19.62 -28.57 22.75
N ARG B 287 19.55 -29.90 22.84
CA ARG B 287 20.65 -30.81 22.53
C ARG B 287 21.98 -30.45 23.21
N ASP B 288 23.08 -30.61 22.47
CA ASP B 288 24.40 -30.27 22.97
C ASP B 288 24.80 -28.82 22.66
N ARG B 289 23.83 -28.03 22.20
CA ARG B 289 24.07 -26.64 21.81
C ARG B 289 24.19 -25.73 23.03
N GLU B 290 24.87 -24.60 22.84
CA GLU B 290 25.06 -23.61 23.90
C GLU B 290 23.94 -22.57 23.85
N ASP B 291 23.56 -22.05 25.02
CA ASP B 291 22.55 -21.00 25.12
C ASP B 291 23.00 -19.72 24.39
N LEU B 292 22.02 -18.93 23.96
CA LEU B 292 22.31 -17.58 23.48
C LEU B 292 21.98 -16.60 24.59
N LYS B 293 22.98 -15.81 24.99
CA LYS B 293 22.78 -14.80 26.04
C LYS B 293 23.13 -13.41 25.52
N ALA B 294 22.33 -12.43 25.90
CA ALA B 294 22.56 -11.04 25.54
C ALA B 294 22.15 -10.14 26.68
N SER B 295 22.89 -9.06 26.87
CA SER B 295 22.51 -8.05 27.83
C SER B 295 23.01 -6.69 27.38
N GLY B 296 22.37 -5.64 27.87
CA GLY B 296 22.75 -4.31 27.48
C GLY B 296 22.00 -3.24 28.23
N TYR B 297 22.50 -2.01 28.09
CA TYR B 297 21.82 -0.86 28.63
C TYR B 297 22.07 0.36 27.76
N TYR B 298 21.23 1.37 27.96
CA TYR B 298 21.50 2.69 27.46
C TYR B 298 21.15 3.69 28.57
N ALA B 299 21.71 4.89 28.47
CA ALA B 299 21.31 6.01 29.29
C ALA B 299 21.26 7.25 28.42
N GLN B 300 20.19 8.02 28.56
CA GLN B 300 20.03 9.23 27.78
C GLN B 300 19.82 10.46 28.66
N LEU B 301 20.57 11.51 28.37
CA LEU B 301 20.38 12.83 28.97
C LEU B 301 19.82 13.74 27.88
N ALA B 302 18.79 14.52 28.22
CA ALA B 302 18.18 15.46 27.28
C ALA B 302 17.88 16.79 27.96
N TYR B 303 18.06 17.88 27.23
CA TYR B 303 17.83 19.22 27.78
C TYR B 303 17.28 20.18 26.74
N THR B 304 16.11 20.75 27.02
CA THR B 304 15.52 21.75 26.15
C THR B 304 16.07 23.12 26.50
N LEU B 305 16.97 23.61 25.63
CA LEU B 305 17.60 24.92 25.77
C LEU B 305 16.59 26.05 25.94
N THR B 306 15.45 25.92 25.29
CA THR B 306 14.40 26.93 25.31
C THR B 306 13.42 26.77 26.47
N GLY B 307 13.64 25.76 27.31
CA GLY B 307 12.93 25.62 28.57
C GLY B 307 11.74 24.68 28.66
N GLU B 308 11.24 24.20 27.51
CA GLU B 308 10.03 23.38 27.50
C GLU B 308 10.29 21.95 27.95
N PRO B 309 9.41 21.42 28.81
CA PRO B 309 9.60 20.03 29.23
C PRO B 309 9.06 19.03 28.20
N ARG B 310 9.61 17.83 28.19
CA ARG B 310 9.03 16.72 27.44
C ARG B 310 7.71 16.35 28.11
N LEU B 311 6.67 16.15 27.32
CA LEU B 311 5.42 15.63 27.86
C LEU B 311 5.63 14.21 28.37
N TYR B 312 4.94 13.86 29.44
CA TYR B 312 4.96 12.50 29.96
C TYR B 312 3.52 12.05 30.17
N LYS B 313 3.26 10.79 29.84
CA LYS B 313 1.92 10.24 29.97
C LYS B 313 1.93 8.97 30.82
N LEU B 314 1.26 9.03 31.96
CA LEU B 314 1.14 7.89 32.86
C LEU B 314 0.44 6.71 32.17
N ASP B 315 -0.59 7.01 31.39
CA ASP B 315 -1.26 5.99 30.59
C ASP B 315 -0.36 5.60 29.42
N GLY B 316 0.35 4.49 29.60
CA GLY B 316 1.38 4.07 28.66
C GLY B 316 2.78 4.17 29.26
N ALA B 317 2.91 4.96 30.33
CA ALA B 317 4.19 5.18 31.04
C ALA B 317 5.29 5.51 30.04
N LYS B 318 5.14 6.67 29.41
CA LYS B 318 5.92 7.03 28.24
C LYS B 318 6.12 8.54 28.16
N PHE B 319 7.25 8.94 27.59
CA PHE B 319 7.46 10.34 27.23
C PHE B 319 6.75 10.62 25.91
N ASP B 320 6.58 11.90 25.61
CA ASP B 320 5.89 12.30 24.39
C ASP B 320 6.56 13.58 23.83
N THR B 321 5.74 14.48 23.30
CA THR B 321 6.20 15.62 22.52
C THR B 321 6.80 16.80 23.32
N ILE B 322 7.38 17.75 22.60
CA ILE B 322 7.72 19.07 23.14
C ILE B 322 6.90 20.11 22.35
N LYS B 323 6.13 20.92 23.06
CA LYS B 323 5.38 21.99 22.43
C LYS B 323 6.16 23.31 22.59
N PRO B 324 6.65 23.88 21.47
CA PRO B 324 7.36 25.16 21.53
C PRO B 324 6.56 26.30 22.17
N GLU B 325 7.23 27.07 23.02
CA GLU B 325 6.64 28.25 23.65
C GLU B 325 6.69 29.47 22.72
N ASN B 326 7.84 29.66 22.09
CA ASN B 326 8.07 30.78 21.19
C ASN B 326 7.71 30.40 19.77
N LYS B 327 6.69 31.05 19.23
CA LYS B 327 6.16 30.73 17.91
C LYS B 327 7.10 31.10 16.76
N GLU B 328 8.01 32.04 17.00
CA GLU B 328 8.97 32.49 15.99
C GLU B 328 10.19 31.56 15.88
N ILE B 329 10.83 31.29 17.01
CA ILE B 329 12.08 30.54 17.00
C ILE B 329 11.94 29.01 17.21
N GLY B 330 10.79 28.58 17.72
CA GLY B 330 10.56 27.16 18.02
C GLY B 330 11.24 26.73 19.30
N ALA B 331 11.41 25.42 19.47
CA ALA B 331 12.12 24.87 20.62
C ALA B 331 13.39 24.17 20.18
N TRP B 332 14.43 24.27 21.00
CA TRP B 332 15.72 23.62 20.72
C TRP B 332 16.09 22.68 21.84
N GLU B 333 16.49 21.46 21.48
CA GLU B 333 16.78 20.41 22.44
C GLU B 333 18.11 19.75 22.13
N LEU B 334 18.91 19.54 23.18
CA LEU B 334 20.15 18.78 23.07
C LEU B 334 20.03 17.44 23.79
N PHE B 335 20.68 16.42 23.27
CA PHE B 335 20.70 15.14 23.97
C PHE B 335 22.00 14.37 23.75
N TYR B 336 22.31 13.52 24.72
CA TYR B 336 23.39 12.57 24.60
C TYR B 336 22.83 11.21 24.97
N ARG B 337 23.23 10.18 24.23
CA ARG B 337 22.90 8.82 24.64
C ARG B 337 24.12 7.91 24.57
N TYR B 338 24.24 7.06 25.59
CA TYR B 338 25.25 6.01 25.65
C TYR B 338 24.54 4.65 25.62
N ASP B 339 24.99 3.77 24.71
CA ASP B 339 24.46 2.42 24.55
C ASP B 339 25.60 1.44 24.72
N SER B 340 25.31 0.27 25.30
CA SER B 340 26.31 -0.77 25.52
C SER B 340 25.62 -2.13 25.53
N ILE B 341 26.08 -3.01 24.65
CA ILE B 341 25.53 -4.38 24.53
C ILE B 341 26.62 -5.45 24.54
N LYS B 342 26.25 -6.66 24.96
CA LYS B 342 27.13 -7.82 24.99
C LYS B 342 26.34 -9.05 24.53
N VAL B 343 26.91 -9.80 23.60
CA VAL B 343 26.28 -11.03 23.12
C VAL B 343 27.22 -12.23 23.37
N GLU B 344 26.72 -13.23 24.09
CA GLU B 344 27.47 -14.44 24.39
C GLU B 344 26.85 -15.60 23.61
N ASP B 345 27.59 -16.11 22.65
CA ASP B 345 27.17 -17.27 21.86
C ASP B 345 28.34 -18.24 21.75
N ASP B 346 28.36 -19.22 22.65
CA ASP B 346 29.47 -20.18 22.72
C ASP B 346 29.40 -21.26 21.62
N ASN B 347 28.35 -21.21 20.80
CA ASN B 347 28.28 -22.06 19.60
C ASN B 347 29.31 -21.65 18.56
N ILE B 348 29.77 -20.40 18.65
CA ILE B 348 30.84 -19.88 17.81
C ILE B 348 32.18 -20.32 18.39
N VAL B 349 32.80 -21.32 17.74
CA VAL B 349 34.00 -21.96 18.30
C VAL B 349 35.26 -21.75 17.46
N VAL B 350 35.09 -21.28 16.23
CA VAL B 350 36.22 -20.92 15.38
C VAL B 350 36.14 -19.45 14.93
N ASP B 351 37.30 -18.81 14.85
CA ASP B 351 37.40 -17.43 14.34
C ASP B 351 37.00 -17.35 12.87
N SER B 352 36.50 -16.19 12.45
CA SER B 352 36.31 -15.87 11.04
C SER B 352 36.91 -14.51 10.72
N ALA B 353 36.76 -14.06 9.48
CA ALA B 353 37.36 -12.80 9.03
C ALA B 353 36.83 -11.55 9.75
N THR B 354 35.61 -11.66 10.30
CA THR B 354 34.97 -10.52 10.94
C THR B 354 34.53 -10.80 12.38
N ARG B 355 34.66 -12.04 12.84
CA ARG B 355 34.21 -12.44 14.17
C ARG B 355 35.24 -13.29 14.91
N GLU B 356 35.64 -12.83 16.09
CA GLU B 356 36.54 -13.57 16.98
C GLU B 356 35.75 -14.39 17.98
N VAL B 357 36.27 -15.57 18.34
CA VAL B 357 35.66 -16.39 19.38
C VAL B 357 35.61 -15.60 20.70
N GLY B 358 34.47 -15.68 21.38
CA GLY B 358 34.25 -14.94 22.62
C GLY B 358 33.03 -14.05 22.51
N ASP B 359 32.79 -13.24 23.54
CA ASP B 359 31.63 -12.35 23.59
C ASP B 359 31.80 -11.14 22.65
N ALA B 360 30.82 -10.94 21.78
CA ALA B 360 30.77 -9.75 20.94
C ALA B 360 30.19 -8.59 21.74
N LYS B 361 30.89 -7.45 21.71
CA LYS B 361 30.45 -6.24 22.42
C LYS B 361 30.32 -5.07 21.46
N GLY B 362 29.38 -4.18 21.76
CA GLY B 362 29.19 -2.96 20.98
C GLY B 362 28.78 -1.83 21.91
N LYS B 363 29.37 -0.66 21.69
CA LYS B 363 28.94 0.55 22.39
C LYS B 363 28.87 1.73 21.44
N THR B 364 27.94 2.65 21.69
CA THR B 364 27.84 3.87 20.90
C THR B 364 27.73 5.10 21.79
N HIS B 365 28.22 6.22 21.25
CA HIS B 365 27.95 7.54 21.80
C HIS B 365 27.12 8.27 20.74
N THR B 366 25.98 8.81 21.16
CA THR B 366 25.13 9.61 20.27
C THR B 366 24.98 11.01 20.85
N LEU B 367 25.28 12.00 20.03
CA LEU B 367 25.13 13.40 20.40
C LEU B 367 24.26 14.07 19.35
N GLY B 368 23.23 14.79 19.80
CA GLY B 368 22.25 15.33 18.87
C GLY B 368 21.55 16.62 19.27
N VAL B 369 20.86 17.18 18.28
CA VAL B 369 20.05 18.39 18.45
C VAL B 369 18.75 18.20 17.69
N ASN B 370 17.65 18.58 18.33
CA ASN B 370 16.34 18.65 17.70
C ASN B 370 15.88 20.10 17.68
N TRP B 371 15.48 20.58 16.51
CA TRP B 371 14.74 21.84 16.41
C TRP B 371 13.29 21.51 16.14
N TYR B 372 12.43 21.78 17.12
CA TYR B 372 11.01 21.71 16.93
C TYR B 372 10.59 23.08 16.41
N ALA B 373 10.44 23.18 15.09
CA ALA B 373 10.03 24.44 14.46
C ALA B 373 8.65 24.88 14.96
N ASN B 374 7.82 23.88 15.20
CA ASN B 374 6.44 24.03 15.64
C ASN B 374 5.96 22.62 15.95
N GLU B 375 4.67 22.44 16.26
CA GLU B 375 4.17 21.10 16.61
C GLU B 375 4.03 20.14 15.43
N ALA B 376 4.18 20.64 14.21
CA ALA B 376 4.17 19.79 13.01
C ALA B 376 5.57 19.37 12.55
N VAL B 377 6.55 20.26 12.70
CA VAL B 377 7.84 20.09 12.04
C VAL B 377 9.00 20.02 13.01
N LYS B 378 9.81 18.97 12.87
CA LYS B 378 11.01 18.79 13.67
C LYS B 378 12.20 18.49 12.75
N VAL B 379 13.29 19.23 12.94
CA VAL B 379 14.54 18.99 12.20
C VAL B 379 15.63 18.54 13.17
N SER B 380 16.35 17.49 12.80
CA SER B 380 17.29 16.84 13.71
C SER B 380 18.60 16.48 13.06
N ALA B 381 19.65 16.43 13.87
CA ALA B 381 20.94 15.88 13.47
C ALA B 381 21.51 15.09 14.66
N ASN B 382 22.08 13.92 14.36
CA ASN B 382 22.77 13.08 15.34
C ASN B 382 24.16 12.74 14.84
N TYR B 383 25.17 12.92 15.69
CA TYR B 383 26.50 12.37 15.46
C TYR B 383 26.61 11.08 16.27
N VAL B 384 27.10 10.02 15.62
CA VAL B 384 27.21 8.72 16.26
C VAL B 384 28.64 8.19 16.13
N LYS B 385 29.16 7.65 17.23
CA LYS B 385 30.47 7.00 17.23
C LYS B 385 30.27 5.59 17.78
N ALA B 386 30.76 4.59 17.06
CA ALA B 386 30.59 3.20 17.46
C ALA B 386 31.93 2.55 17.77
N LYS B 387 31.94 1.62 18.71
CA LYS B 387 33.12 0.84 19.07
C LYS B 387 32.72 -0.60 19.38
N THR B 388 33.32 -1.55 18.67
CA THR B 388 33.02 -2.97 18.87
C THR B 388 34.23 -3.76 19.40
N ASP B 389 33.94 -4.94 19.95
CA ASP B 389 34.96 -5.86 20.43
C ASP B 389 34.63 -7.26 19.94
N LYS B 390 35.62 -7.91 19.31
CA LYS B 390 35.51 -9.27 18.75
C LYS B 390 34.62 -9.38 17.51
N ILE B 391 34.20 -8.25 16.98
CA ILE B 391 33.51 -8.19 15.71
C ILE B 391 33.96 -6.95 14.95
N SER B 392 34.13 -7.08 13.64
CA SER B 392 34.62 -5.99 12.81
C SER B 392 33.95 -6.04 11.44
N ASN B 393 34.24 -5.04 10.61
CA ASN B 393 33.93 -5.13 9.18
C ASN B 393 35.03 -5.93 8.45
N ALA B 394 34.86 -6.14 7.15
CA ALA B 394 35.85 -6.88 6.35
C ALA B 394 37.21 -6.20 6.33
N ASN B 395 37.22 -4.88 6.54
CA ASN B 395 38.44 -4.09 6.62
C ASN B 395 39.15 -4.19 7.98
N GLY B 396 38.56 -4.91 8.92
CA GLY B 396 39.11 -5.05 10.27
C GLY B 396 38.87 -3.85 11.18
N ASP B 397 38.00 -2.93 10.77
CA ASP B 397 37.63 -1.77 11.59
C ASP B 397 36.72 -2.18 12.74
N ASP B 398 37.00 -1.67 13.94
CA ASP B 398 36.12 -1.90 15.07
C ASP B 398 35.56 -0.58 15.63
N SER B 399 35.73 0.49 14.86
CA SER B 399 35.15 1.77 15.20
C SER B 399 34.58 2.43 13.95
N GLY B 400 33.50 3.19 14.13
CA GLY B 400 32.85 3.86 13.02
C GLY B 400 32.25 5.19 13.45
N ASP B 401 32.08 6.07 12.48
CA ASP B 401 31.44 7.38 12.71
C ASP B 401 30.31 7.56 11.74
N GLY B 402 29.28 8.29 12.18
CA GLY B 402 28.15 8.60 11.34
C GLY B 402 27.57 9.95 11.68
N LEU B 403 27.02 10.62 10.68
CA LEU B 403 26.22 11.82 10.87
C LEU B 403 24.92 11.65 10.10
N VAL B 404 23.81 11.80 10.81
CA VAL B 404 22.50 11.62 10.19
C VAL B 404 21.61 12.81 10.49
N MET B 405 20.88 13.25 9.47
CA MET B 405 19.92 14.34 9.63
C MET B 405 18.54 13.88 9.24
N ARG B 406 17.53 14.49 9.85
CA ARG B 406 16.13 14.14 9.58
C ARG B 406 15.28 15.40 9.48
N LEU B 407 14.40 15.42 8.48
CA LEU B 407 13.27 16.33 8.48
C LEU B 407 12.02 15.51 8.78
N GLN B 408 11.31 15.88 9.85
CA GLN B 408 10.04 15.23 10.21
C GLN B 408 8.86 16.18 10.06
N TYR B 409 7.76 15.67 9.49
CA TYR B 409 6.51 16.41 9.40
C TYR B 409 5.41 15.47 9.95
N VAL B 410 4.68 15.93 10.95
CA VAL B 410 3.58 15.15 11.50
C VAL B 410 2.28 15.91 11.32
N PHE B 411 1.19 15.18 11.04
CA PHE B 411 -0.11 15.78 10.85
C PHE B 411 -1.22 14.90 11.43
N GLY C 1 -27.58 18.53 14.24
CA GLY C 1 -26.65 19.32 15.12
C GLY C 1 -25.77 20.30 14.37
N THR C 2 -24.96 21.03 15.12
CA THR C 2 -24.07 22.04 14.54
C THR C 2 -22.71 21.45 14.20
N VAL C 3 -21.94 22.20 13.41
CA VAL C 3 -20.56 21.85 13.09
C VAL C 3 -19.75 23.12 13.34
N THR C 4 -18.83 23.04 14.29
CA THR C 4 -18.04 24.19 14.70
C THR C 4 -16.58 23.78 14.81
N THR C 5 -15.71 24.74 15.08
CA THR C 5 -14.31 24.45 15.33
C THR C 5 -13.86 25.19 16.59
N ASP C 6 -12.76 24.71 17.18
CA ASP C 6 -12.17 25.36 18.35
C ASP C 6 -11.24 26.49 17.93
N GLY C 7 -10.51 26.29 16.84
CA GLY C 7 -9.56 27.30 16.35
C GLY C 7 -10.15 28.42 15.50
N ALA C 8 -9.43 28.74 14.44
CA ALA C 8 -9.87 29.76 13.48
C ALA C 8 -10.99 29.20 12.62
N ASP C 9 -11.75 30.09 11.99
CA ASP C 9 -12.83 29.70 11.09
C ASP C 9 -12.31 28.70 10.05
N ILE C 10 -13.15 27.74 9.70
CA ILE C 10 -12.81 26.73 8.70
C ILE C 10 -13.77 26.75 7.53
N VAL C 11 -13.23 26.53 6.32
CA VAL C 11 -14.05 26.32 5.13
C VAL C 11 -13.82 24.90 4.60
N ILE C 12 -14.90 24.18 4.34
CA ILE C 12 -14.77 22.83 3.77
C ILE C 12 -15.34 22.77 2.36
N LYS C 13 -14.75 21.89 1.54
CA LYS C 13 -15.17 21.74 0.14
C LYS C 13 -15.12 20.26 -0.24
N THR C 14 -16.06 19.85 -1.09
CA THR C 14 -15.99 18.52 -1.73
C THR C 14 -16.47 18.58 -3.18
N LYS C 15 -15.66 18.03 -4.07
CA LYS C 15 -16.06 17.70 -5.43
C LYS C 15 -15.85 16.20 -5.66
N GLY C 16 -16.03 15.41 -4.60
CA GLY C 16 -15.76 13.98 -4.65
C GLY C 16 -14.63 13.57 -3.71
N GLY C 17 -13.75 14.52 -3.39
CA GLY C 17 -12.73 14.35 -2.36
C GLY C 17 -13.03 15.28 -1.20
N LEU C 18 -11.99 15.82 -0.56
CA LEU C 18 -12.19 16.72 0.58
C LEU C 18 -11.08 17.76 0.76
N GLU C 19 -11.50 18.98 1.04
CA GLU C 19 -10.61 20.06 1.48
C GLU C 19 -11.16 20.66 2.76
N VAL C 20 -10.28 20.89 3.73
CA VAL C 20 -10.61 21.60 4.98
C VAL C 20 -9.49 22.62 5.17
N ALA C 21 -9.84 23.89 5.36
CA ALA C 21 -8.83 24.94 5.52
C ALA C 21 -9.28 26.03 6.48
N THR C 22 -8.38 26.49 7.34
CA THR C 22 -8.65 27.68 8.17
C THR C 22 -8.62 28.93 7.29
N THR C 23 -9.47 29.90 7.59
CA THR C 23 -9.56 31.11 6.76
C THR C 23 -8.34 32.04 6.90
N ASP C 24 -7.53 31.83 7.93
CA ASP C 24 -6.32 32.64 8.14
C ASP C 24 -5.07 32.12 7.40
N LYS C 25 -5.27 31.08 6.57
CA LYS C 25 -4.20 30.45 5.77
C LYS C 25 -3.14 29.67 6.59
N GLU C 26 -3.41 29.45 7.88
CA GLU C 26 -2.43 28.79 8.75
C GLU C 26 -2.36 27.27 8.56
N PHE C 27 -3.53 26.65 8.41
CA PHE C 27 -3.66 25.19 8.36
C PHE C 27 -4.61 24.76 7.26
N SER C 28 -4.31 23.64 6.61
CA SER C 28 -5.22 23.06 5.63
C SER C 28 -4.94 21.57 5.42
N PHE C 29 -5.95 20.86 4.94
CA PHE C 29 -5.82 19.45 4.57
C PHE C 29 -6.59 19.23 3.27
N LYS C 30 -6.01 18.43 2.38
CA LYS C 30 -6.66 18.08 1.13
C LYS C 30 -6.48 16.59 0.88
N LEU C 31 -7.62 15.90 0.75
CA LEU C 31 -7.65 14.48 0.36
C LEU C 31 -8.16 14.39 -1.07
N GLY C 32 -7.33 13.84 -1.95
CA GLY C 32 -7.69 13.71 -3.34
C GLY C 32 -7.18 12.42 -3.93
N GLY C 33 -7.26 12.34 -5.25
CA GLY C 33 -6.74 11.16 -5.94
C GLY C 33 -7.02 11.21 -7.42
N ARG C 34 -6.58 10.18 -8.13
CA ARG C 34 -6.81 10.07 -9.56
C ARG C 34 -6.84 8.60 -9.92
N LEU C 35 -7.79 8.23 -10.76
CA LEU C 35 -7.88 6.89 -11.28
C LEU C 35 -7.90 6.98 -12.79
N GLN C 36 -6.96 6.27 -13.43
CA GLN C 36 -6.86 6.22 -14.88
C GLN C 36 -6.96 4.78 -15.32
N ALA C 37 -8.10 4.42 -15.91
CA ALA C 37 -8.33 3.07 -16.40
C ALA C 37 -8.14 3.03 -17.91
N ASP C 38 -7.15 2.26 -18.36
CA ASP C 38 -6.79 2.17 -19.78
C ASP C 38 -7.19 0.84 -20.37
N TYR C 39 -7.64 0.86 -21.63
CA TYR C 39 -7.71 -0.35 -22.44
C TYR C 39 -7.08 -0.10 -23.80
N GLY C 40 -6.05 -0.88 -24.14
CA GLY C 40 -5.35 -0.71 -25.40
C GLY C 40 -5.23 -2.00 -26.18
N ARG C 41 -5.22 -1.88 -27.51
CA ARG C 41 -4.98 -2.99 -28.44
C ARG C 41 -3.91 -2.52 -29.42
N PHE C 42 -2.97 -3.41 -29.75
CA PHE C 42 -1.79 -3.03 -30.53
C PHE C 42 -1.13 -4.23 -31.21
N ASP C 43 -0.48 -3.97 -32.34
CA ASP C 43 0.10 -5.04 -33.16
C ASP C 43 1.40 -4.58 -33.85
N GLY C 44 1.90 -5.38 -34.79
CA GLY C 44 3.12 -5.04 -35.52
C GLY C 44 4.31 -5.00 -34.57
N TYR C 45 5.16 -3.99 -34.75
CA TYR C 45 6.36 -3.78 -33.93
C TYR C 45 6.11 -3.89 -32.40
N TYR C 46 4.94 -3.44 -31.95
CA TYR C 46 4.60 -3.42 -30.51
C TYR C 46 4.61 -4.78 -29.85
N THR C 47 4.39 -5.83 -30.63
CA THR C 47 4.36 -7.19 -30.10
C THR C 47 5.48 -8.01 -30.70
N ASN C 48 5.87 -9.09 -30.03
CA ASN C 48 6.99 -9.92 -30.47
C ASN C 48 6.72 -10.64 -31.79
N ASN C 49 5.50 -11.19 -31.94
CA ASN C 49 5.15 -11.90 -33.17
C ASN C 49 4.37 -11.06 -34.19
N GLY C 50 4.05 -9.82 -33.80
CA GLY C 50 3.37 -8.89 -34.71
C GLY C 50 1.86 -9.01 -34.70
N ASN C 51 1.33 -10.00 -33.98
CA ASN C 51 -0.11 -10.18 -33.82
C ASN C 51 -0.65 -9.20 -32.76
N THR C 52 -1.96 -9.02 -32.73
CA THR C 52 -2.60 -8.08 -31.80
C THR C 52 -2.59 -8.59 -30.35
N ALA C 53 -2.03 -7.76 -29.45
CA ALA C 53 -2.12 -8.01 -28.02
C ALA C 53 -3.03 -6.94 -27.42
N ASP C 54 -3.36 -7.10 -26.16
CA ASP C 54 -4.11 -6.06 -25.47
C ASP C 54 -3.58 -5.83 -24.06
N ALA C 55 -4.12 -4.81 -23.40
CA ALA C 55 -3.74 -4.46 -22.05
C ALA C 55 -4.89 -3.69 -21.41
N ALA C 56 -5.37 -4.20 -20.29
CA ALA C 56 -6.38 -3.53 -19.47
C ALA C 56 -5.79 -3.35 -18.08
N TYR C 57 -5.67 -2.10 -17.62
CA TYR C 57 -4.86 -1.81 -16.42
C TYR C 57 -5.16 -0.41 -15.94
N PHE C 58 -4.86 -0.16 -14.66
CA PHE C 58 -4.84 1.22 -14.18
C PHE C 58 -3.47 1.80 -14.43
N ARG C 59 -3.42 2.84 -15.25
CA ARG C 59 -2.18 3.56 -15.54
C ARG C 59 -1.64 4.21 -14.26
N ARG C 60 -2.57 4.75 -13.48
CA ARG C 60 -2.32 5.39 -12.19
C ARG C 60 -3.54 5.17 -11.32
N ALA C 61 -3.30 4.93 -10.03
CA ALA C 61 -4.38 4.94 -9.04
C ALA C 61 -3.79 5.57 -7.79
N TYR C 62 -3.83 6.90 -7.71
CA TYR C 62 -3.19 7.61 -6.61
C TYR C 62 -4.20 7.97 -5.53
N LEU C 63 -3.80 7.78 -4.28
CA LEU C 63 -4.44 8.45 -3.15
C LEU C 63 -3.51 9.57 -2.72
N GLU C 64 -4.08 10.76 -2.52
CA GLU C 64 -3.28 11.97 -2.39
C GLU C 64 -3.65 12.73 -1.12
N PHE C 65 -2.64 12.94 -0.26
CA PHE C 65 -2.81 13.56 1.05
C PHE C 65 -1.88 14.75 1.11
N GLY C 66 -2.45 15.93 1.28
CA GLY C 66 -1.66 17.16 1.32
C GLY C 66 -2.19 18.11 2.38
N GLY C 67 -1.33 19.01 2.83
CA GLY C 67 -1.77 19.99 3.81
C GLY C 67 -0.76 21.05 4.13
N THR C 68 -1.17 21.99 4.98
CA THR C 68 -0.36 23.13 5.38
C THR C 68 -0.45 23.21 6.90
N ALA C 69 0.66 23.54 7.54
CA ALA C 69 0.67 23.80 8.97
C ALA C 69 1.55 25.01 9.27
N TYR C 70 1.07 25.87 10.17
CA TYR C 70 1.78 27.09 10.57
C TYR C 70 2.15 27.97 9.38
N ARG C 71 1.21 28.06 8.44
CA ARG C 71 1.30 28.89 7.22
C ARG C 71 2.34 28.45 6.18
N ASP C 72 3.58 28.23 6.63
CA ASP C 72 4.72 28.12 5.72
C ASP C 72 5.24 26.70 5.49
N TRP C 73 4.63 25.71 6.14
CA TRP C 73 5.09 24.32 6.03
C TRP C 73 4.02 23.43 5.38
N LYS C 74 4.33 22.90 4.20
CA LYS C 74 3.41 22.06 3.45
C LYS C 74 3.96 20.64 3.26
N TYR C 75 3.08 19.67 3.13
CA TYR C 75 3.49 18.30 2.78
C TYR C 75 2.59 17.79 1.65
N GLN C 76 3.10 16.81 0.91
CA GLN C 76 2.30 16.16 -0.11
C GLN C 76 2.76 14.72 -0.19
N ILE C 77 1.81 13.80 0.00
CA ILE C 77 2.05 12.38 -0.05
C ILE C 77 1.03 11.73 -0.99
N ASN C 78 1.53 11.29 -2.15
CA ASN C 78 0.73 10.64 -3.18
C ASN C 78 1.25 9.21 -3.36
N TYR C 79 0.39 8.23 -3.15
CA TYR C 79 0.78 6.83 -3.22
C TYR C 79 0.07 6.15 -4.37
N ASP C 80 0.84 5.37 -5.14
CA ASP C 80 0.32 4.74 -6.35
C ASP C 80 -0.10 3.31 -6.08
N LEU C 81 -1.40 3.12 -5.94
CA LEU C 81 -2.01 1.81 -5.74
C LEU C 81 -1.88 0.88 -6.94
N SER C 82 -1.70 1.44 -8.13
CA SER C 82 -1.53 0.66 -9.38
C SER C 82 -0.12 0.10 -9.56
N ARG C 83 0.81 0.54 -8.70
CA ARG C 83 2.20 0.04 -8.67
C ARG C 83 3.02 0.41 -9.91
N ASN C 84 2.66 1.52 -10.57
CA ASN C 84 3.33 1.97 -11.80
C ASN C 84 4.45 2.98 -11.57
N VAL C 85 4.59 3.47 -10.35
CA VAL C 85 5.76 4.27 -9.96
C VAL C 85 6.25 3.78 -8.60
N GLY C 86 7.58 3.73 -8.43
CA GLY C 86 8.18 3.24 -7.20
C GLY C 86 8.38 1.74 -7.22
N ASN C 87 8.75 1.17 -6.08
CA ASN C 87 8.93 -0.28 -5.92
C ASN C 87 8.65 -0.69 -4.48
N ASP C 88 8.76 -1.98 -4.15
CA ASP C 88 8.32 -2.42 -2.81
C ASP C 88 9.39 -2.31 -1.72
N SER C 89 10.54 -1.74 -2.05
CA SER C 89 11.54 -1.45 -1.01
C SER C 89 11.67 0.05 -0.72
N ALA C 90 11.69 0.89 -1.77
CA ALA C 90 11.66 2.34 -1.58
C ALA C 90 10.23 2.86 -1.33
N GLY C 91 9.23 2.12 -1.80
CA GLY C 91 7.82 2.53 -1.68
C GLY C 91 7.26 2.95 -3.02
N TYR C 92 5.94 2.81 -3.17
CA TYR C 92 5.25 3.19 -4.41
C TYR C 92 4.77 4.65 -4.39
N PHE C 93 5.71 5.57 -4.22
CA PHE C 93 5.40 6.98 -4.13
C PHE C 93 5.35 7.65 -5.49
N ASP C 94 4.28 8.39 -5.74
CA ASP C 94 4.29 9.44 -6.75
C ASP C 94 5.02 10.66 -6.17
N GLU C 95 4.72 10.96 -4.90
CA GLU C 95 5.35 12.09 -4.20
C GLU C 95 5.32 11.83 -2.69
N ALA C 96 6.39 12.23 -2.02
CA ALA C 96 6.41 12.37 -0.57
C ALA C 96 7.38 13.51 -0.26
N SER C 97 6.81 14.71 -0.08
CA SER C 97 7.62 15.92 -0.01
C SER C 97 7.15 16.83 1.10
N VAL C 98 8.08 17.68 1.54
CA VAL C 98 7.79 18.78 2.45
C VAL C 98 8.29 20.06 1.79
N THR C 99 7.45 21.10 1.79
CA THR C 99 7.80 22.38 1.20
C THR C 99 7.68 23.52 2.22
N TYR C 100 8.70 24.37 2.23
CA TYR C 100 8.73 25.69 2.90
C TYR C 100 9.30 26.63 1.80
N THR C 101 8.71 27.73 1.28
CA THR C 101 7.55 28.61 1.57
C THR C 101 7.83 29.91 2.34
N GLY C 102 8.54 29.85 3.46
CA GLY C 102 8.91 31.03 4.22
C GLY C 102 9.83 32.04 3.53
N PHE C 103 10.66 31.57 2.59
CA PHE C 103 11.54 32.47 1.83
C PHE C 103 10.90 32.98 0.54
N ASN C 104 9.57 32.90 0.49
CA ASN C 104 8.76 33.42 -0.63
C ASN C 104 9.36 34.73 -1.19
N PRO C 105 9.60 34.79 -2.51
CA PRO C 105 9.17 33.88 -3.59
C PRO C 105 9.92 32.54 -3.72
N VAL C 106 11.06 32.41 -3.05
CA VAL C 106 11.83 31.16 -3.11
C VAL C 106 11.16 30.04 -2.29
N ASN C 107 10.88 28.91 -2.95
CA ASN C 107 10.36 27.72 -2.29
C ASN C 107 11.41 26.62 -2.18
N LEU C 108 11.43 25.95 -1.04
CA LEU C 108 12.36 24.85 -0.79
C LEU C 108 11.59 23.54 -0.58
N LYS C 109 11.88 22.57 -1.43
CA LYS C 109 11.20 21.27 -1.40
C LYS C 109 12.17 20.15 -1.02
N PHE C 110 11.73 19.31 -0.07
CA PHE C 110 12.53 18.21 0.45
C PHE C 110 11.80 16.88 0.25
N GLY C 111 12.53 15.83 -0.11
CA GLY C 111 11.94 14.48 -0.16
C GLY C 111 11.93 13.84 -1.52
N ARG C 112 10.87 13.07 -1.80
CA ARG C 112 10.71 12.35 -3.07
C ARG C 112 9.74 13.07 -3.98
N PHE C 113 10.27 13.51 -5.12
CA PHE C 113 9.52 14.25 -6.12
C PHE C 113 10.28 14.06 -7.42
N TYR C 114 9.62 14.33 -8.54
CA TYR C 114 10.28 14.25 -9.85
C TYR C 114 11.14 15.49 -10.02
N THR C 115 12.41 15.29 -10.37
CA THR C 115 13.29 16.43 -10.65
C THR C 115 12.76 17.19 -11.87
N ASP C 116 12.99 18.50 -11.90
CA ASP C 116 12.32 19.38 -12.85
C ASP C 116 13.11 19.51 -14.16
N PHE C 117 12.65 18.76 -15.17
CA PHE C 117 13.20 18.77 -16.53
C PHE C 117 12.04 18.42 -17.46
N GLY C 118 11.60 19.42 -18.23
CA GLY C 118 10.59 19.19 -19.25
C GLY C 118 9.20 19.71 -18.90
N LEU C 119 8.61 20.42 -19.84
CA LEU C 119 7.27 20.97 -19.71
C LEU C 119 6.20 19.89 -19.58
N GLU C 120 6.30 18.85 -20.40
CA GLU C 120 5.30 17.79 -20.38
C GLU C 120 5.34 17.00 -19.07
N LYS C 121 6.53 16.89 -18.47
CA LYS C 121 6.68 16.22 -17.19
CA LYS C 121 6.68 16.22 -17.19
C LYS C 121 6.22 17.09 -16.02
N ALA C 122 6.45 18.40 -16.14
CA ALA C 122 6.02 19.36 -15.11
C ALA C 122 4.48 19.42 -15.04
N THR C 123 3.84 19.25 -16.19
CA THR C 123 2.39 19.16 -16.31
C THR C 123 1.86 17.95 -15.54
N SER C 124 0.85 18.18 -14.68
CA SER C 124 0.20 17.09 -13.94
C SER C 124 -0.20 15.93 -14.86
N SER C 125 0.04 14.70 -14.43
CA SER C 125 -0.37 13.53 -15.23
C SER C 125 -1.90 13.43 -15.40
N LYS C 126 -2.66 14.14 -14.57
CA LYS C 126 -4.10 14.28 -14.78
C LYS C 126 -4.40 15.01 -16.09
N TRP C 127 -3.51 15.93 -16.49
CA TRP C 127 -3.83 16.91 -17.54
C TRP C 127 -2.91 16.90 -18.77
N VAL C 128 -1.89 16.02 -18.75
CA VAL C 128 -1.11 15.73 -19.95
C VAL C 128 -2.09 15.39 -21.07
N THR C 129 -1.93 16.08 -22.20
CA THR C 129 -2.86 16.01 -23.33
C THR C 129 -2.96 14.61 -23.92
N ALA C 130 -1.81 14.00 -24.20
CA ALA C 130 -1.77 12.64 -24.72
C ALA C 130 -1.92 11.63 -23.57
N LEU C 131 -2.22 10.37 -23.91
CA LEU C 131 -2.39 9.33 -22.87
C LEU C 131 -1.05 8.88 -22.29
N GLU C 132 0.02 9.05 -23.06
CA GLU C 132 1.36 8.80 -22.55
C GLU C 132 2.24 10.00 -22.88
N ARG C 133 3.22 10.25 -22.02
CA ARG C 133 4.20 11.31 -22.26
C ARG C 133 5.15 10.96 -23.41
N ASN C 134 5.93 11.95 -23.84
CA ASN C 134 6.67 11.85 -25.09
C ASN C 134 7.85 10.88 -25.06
N LEU C 135 8.28 10.49 -26.26
CA LEU C 135 9.37 9.55 -26.46
C LEU C 135 10.72 10.01 -25.89
N THR C 136 10.98 11.32 -25.89
CA THR C 136 12.29 11.80 -25.42
C THR C 136 12.57 11.46 -23.97
N TYR C 137 11.52 11.32 -23.16
CA TYR C 137 11.72 10.90 -21.77
C TYR C 137 12.16 9.44 -21.70
N ASP C 138 11.78 8.60 -22.67
CA ASP C 138 12.24 7.22 -22.73
C ASP C 138 13.75 7.10 -22.94
N ILE C 139 14.37 8.11 -23.57
CA ILE C 139 15.81 8.02 -23.89
C ILE C 139 16.68 8.71 -22.83
N ALA C 140 16.04 9.34 -21.84
CA ALA C 140 16.74 10.03 -20.77
C ALA C 140 15.88 10.02 -19.50
N ASP C 141 15.45 8.82 -19.07
CA ASP C 141 14.39 8.78 -18.03
C ASP C 141 14.81 9.22 -16.63
N TRP C 142 16.12 9.27 -16.38
CA TRP C 142 16.63 9.69 -15.08
C TRP C 142 16.50 11.19 -14.82
N VAL C 143 16.38 12.01 -15.87
CA VAL C 143 16.47 13.46 -15.71
C VAL C 143 15.30 14.04 -14.93
N ASN C 144 14.16 13.35 -14.97
CA ASN C 144 12.96 13.82 -14.30
C ASN C 144 12.16 12.72 -13.60
N ASP C 145 12.84 11.64 -13.22
CA ASP C 145 12.21 10.63 -12.37
C ASP C 145 12.26 11.02 -10.89
N ASN C 146 11.61 10.23 -10.04
CA ASN C 146 11.58 10.46 -8.59
C ASN C 146 12.22 9.31 -7.83
N VAL C 147 13.13 8.60 -8.49
CA VAL C 147 13.76 7.41 -7.94
C VAL C 147 14.95 7.85 -7.06
N GLY C 148 14.60 8.41 -5.91
CA GLY C 148 15.60 8.91 -4.96
C GLY C 148 14.98 9.95 -4.05
N THR C 149 15.83 10.75 -3.40
CA THR C 149 15.38 11.74 -2.42
C THR C 149 16.31 12.95 -2.52
N GLY C 150 15.76 14.15 -2.48
CA GLY C 150 16.60 15.33 -2.62
C GLY C 150 16.02 16.62 -2.10
N ILE C 151 16.60 17.73 -2.58
CA ILE C 151 16.24 19.08 -2.18
C ILE C 151 16.18 19.95 -3.43
N GLN C 152 15.09 20.67 -3.59
CA GLN C 152 14.89 21.55 -4.73
C GLN C 152 14.60 22.95 -4.25
N ALA C 153 15.18 23.94 -4.94
CA ALA C 153 14.81 25.34 -4.76
C ALA C 153 14.16 25.82 -6.06
N SER C 154 13.11 26.62 -5.93
CA SER C 154 12.43 27.19 -7.08
C SER C 154 11.82 28.55 -6.76
N SER C 155 11.65 29.36 -7.80
CA SER C 155 11.12 30.71 -7.67
C SER C 155 10.60 31.20 -9.01
N VAL C 156 9.46 31.88 -8.96
CA VAL C 156 9.04 32.75 -10.05
C VAL C 156 9.91 34.00 -9.92
N VAL C 157 10.40 34.50 -11.05
CA VAL C 157 11.36 35.60 -11.08
C VAL C 157 10.83 36.73 -11.94
N GLY C 158 10.76 37.93 -11.36
CA GLY C 158 10.32 39.14 -12.07
C GLY C 158 8.94 39.07 -12.69
N GLY C 159 8.11 38.17 -12.18
CA GLY C 159 6.76 37.95 -12.70
C GLY C 159 6.67 37.47 -14.14
N MET C 160 7.80 37.14 -14.76
CA MET C 160 7.84 36.72 -16.17
C MET C 160 8.73 35.49 -16.43
N ALA C 161 9.25 34.88 -15.37
CA ALA C 161 10.18 33.76 -15.50
C ALA C 161 10.06 32.78 -14.33
N PHE C 162 10.60 31.57 -14.52
CA PHE C 162 10.62 30.54 -13.49
C PHE C 162 11.95 29.81 -13.51
N LEU C 163 12.53 29.62 -12.33
CA LEU C 163 13.81 28.94 -12.19
C LEU C 163 13.71 27.84 -11.15
N SER C 164 14.26 26.67 -11.45
CA SER C 164 14.37 25.60 -10.47
C SER C 164 15.73 24.93 -10.56
N GLY C 165 16.12 24.29 -9.46
CA GLY C 165 17.36 23.55 -9.38
C GLY C 165 17.28 22.59 -8.21
N SER C 166 17.94 21.44 -8.35
CA SER C 166 17.95 20.44 -7.27
C SER C 166 19.23 19.62 -7.23
N VAL C 167 19.49 19.05 -6.05
CA VAL C 167 20.45 17.96 -5.89
C VAL C 167 19.62 16.79 -5.41
N PHE C 168 19.86 15.61 -5.98
CA PHE C 168 19.01 14.44 -5.75
C PHE C 168 19.91 13.27 -5.47
N SER C 169 19.66 12.57 -4.36
CA SER C 169 20.35 11.33 -4.08
C SER C 169 19.61 10.20 -4.79
N GLU C 170 20.20 9.71 -5.89
CA GLU C 170 19.62 8.61 -6.66
C GLU C 170 19.76 7.28 -5.92
N ASN C 171 18.89 6.31 -6.26
CA ASN C 171 18.95 4.97 -5.69
C ASN C 171 19.94 4.06 -6.44
N ASN C 172 20.97 4.68 -7.01
CA ASN C 172 22.13 4.01 -7.59
C ASN C 172 23.34 4.30 -6.72
N ASN C 173 24.13 3.27 -6.43
CA ASN C 173 25.32 3.39 -5.59
C ASN C 173 26.62 3.26 -6.38
N ASP C 174 27.66 3.93 -5.89
CA ASP C 174 29.01 3.58 -6.31
C ASP C 174 29.49 2.40 -5.46
N THR C 175 30.73 2.00 -5.67
CA THR C 175 31.27 0.81 -5.03
C THR C 175 31.37 0.94 -3.50
N ASP C 176 31.36 2.18 -3.00
CA ASP C 176 31.40 2.45 -1.56
C ASP C 176 30.00 2.53 -0.92
N GLY C 177 28.96 2.39 -1.72
CA GLY C 177 27.58 2.52 -1.22
C GLY C 177 27.16 3.97 -1.07
N ASP C 178 27.92 4.85 -1.71
CA ASP C 178 27.64 6.28 -1.75
C ASP C 178 26.80 6.50 -3.00
N SER C 179 25.66 7.15 -2.83
CA SER C 179 24.69 7.34 -3.90
C SER C 179 25.18 8.27 -4.99
N VAL C 180 24.80 7.96 -6.23
CA VAL C 180 24.97 8.88 -7.35
C VAL C 180 24.17 10.16 -7.06
N LYS C 181 24.83 11.30 -7.19
CA LYS C 181 24.21 12.60 -6.95
C LYS C 181 23.81 13.23 -8.27
N ARG C 182 22.52 13.55 -8.38
CA ARG C 182 21.96 14.12 -9.60
C ARG C 182 21.75 15.61 -9.43
N TYR C 183 22.16 16.37 -10.43
CA TYR C 183 22.01 17.82 -10.43
C TYR C 183 21.11 18.26 -11.57
N ASN C 184 20.11 19.07 -11.24
CA ASN C 184 19.17 19.61 -12.22
C ASN C 184 19.08 21.12 -12.18
N LEU C 185 18.95 21.72 -13.36
CA LEU C 185 18.60 23.13 -13.51
C LEU C 185 17.54 23.25 -14.59
N ARG C 186 16.61 24.17 -14.39
CA ARG C 186 15.61 24.51 -15.40
C ARG C 186 15.28 26.00 -15.28
N GLY C 187 15.23 26.68 -16.42
CA GLY C 187 14.89 28.10 -16.48
C GLY C 187 13.95 28.38 -17.62
N VAL C 188 12.83 29.02 -17.32
CA VAL C 188 11.82 29.33 -18.30
C VAL C 188 11.58 30.83 -18.36
N PHE C 189 11.65 31.40 -19.56
CA PHE C 189 11.20 32.75 -19.81
C PHE C 189 9.80 32.66 -20.40
N ALA C 190 8.83 33.20 -19.68
CA ALA C 190 7.44 33.17 -20.12
C ALA C 190 6.76 34.53 -19.95
N PRO C 191 7.08 35.49 -20.85
CA PRO C 191 6.60 36.88 -20.75
C PRO C 191 5.08 36.98 -20.93
N LEU C 192 4.49 35.98 -21.57
CA LEU C 192 3.04 35.81 -21.60
C LEU C 192 2.74 34.47 -20.94
N HIS C 193 1.98 34.50 -19.85
CA HIS C 193 1.80 33.32 -19.00
C HIS C 193 0.38 33.17 -18.46
N GLU C 194 -0.61 33.53 -19.27
CA GLU C 194 -2.03 33.31 -18.93
C GLU C 194 -2.63 32.19 -19.79
N PRO C 195 -3.68 31.51 -19.27
CA PRO C 195 -4.49 30.60 -20.10
C PRO C 195 -4.92 31.29 -21.41
N GLY C 196 -4.63 30.65 -22.54
CA GLY C 196 -4.99 31.21 -23.85
C GLY C 196 -4.07 32.31 -24.35
N ASN C 197 -2.98 32.55 -23.62
CA ASN C 197 -1.97 33.54 -24.02
C ASN C 197 -0.62 33.21 -23.36
N VAL C 198 0.05 32.22 -23.92
CA VAL C 198 1.33 31.73 -23.40
C VAL C 198 2.40 31.87 -24.47
N VAL C 199 3.56 32.41 -24.07
CA VAL C 199 4.77 32.35 -24.87
C VAL C 199 5.89 31.90 -23.92
N HIS C 200 6.44 30.72 -24.19
CA HIS C 200 7.23 29.95 -23.24
C HIS C 200 8.53 29.46 -23.91
N LEU C 201 9.67 29.91 -23.38
CA LEU C 201 10.99 29.40 -23.82
C LEU C 201 11.74 28.85 -22.63
N GLY C 202 12.11 27.57 -22.70
CA GLY C 202 12.75 26.89 -21.59
C GLY C 202 14.07 26.25 -21.93
N LEU C 203 14.98 26.27 -20.97
CA LEU C 203 16.26 25.58 -21.07
C LEU C 203 16.46 24.76 -19.80
N GLN C 204 17.00 23.54 -19.96
CA GLN C 204 17.17 22.63 -18.83
C GLN C 204 18.41 21.76 -18.98
N TYR C 205 18.97 21.39 -17.84
CA TYR C 205 20.24 20.66 -17.79
C TYR C 205 20.23 19.68 -16.65
N ALA C 206 20.73 18.47 -16.92
CA ALA C 206 20.88 17.47 -15.87
C ALA C 206 22.26 16.82 -15.95
N TYR C 207 22.82 16.52 -14.80
CA TYR C 207 24.15 15.92 -14.73
C TYR C 207 24.23 14.95 -13.57
N ARG C 208 24.95 13.85 -13.79
CA ARG C 208 25.32 12.93 -12.72
C ARG C 208 26.68 12.31 -13.03
N ASP C 209 27.52 12.24 -12.01
CA ASP C 209 28.81 11.56 -12.09
C ASP C 209 28.57 10.06 -11.85
N LEU C 210 28.97 9.25 -12.83
CA LEU C 210 28.71 7.80 -12.82
C LEU C 210 29.94 6.95 -12.49
N GLU C 211 31.05 7.59 -12.15
CA GLU C 211 32.30 6.88 -11.88
C GLU C 211 32.13 5.82 -10.78
N ASP C 212 32.53 4.59 -11.10
CA ASP C 212 32.52 3.46 -10.16
C ASP C 212 31.12 3.08 -9.68
N SER C 213 30.12 3.39 -10.49
CA SER C 213 28.72 3.18 -10.15
C SER C 213 28.07 2.12 -11.03
N ALA C 214 27.08 1.43 -10.49
CA ALA C 214 26.27 0.48 -11.23
C ALA C 214 24.92 1.12 -11.49
N VAL C 215 24.68 1.44 -12.76
CA VAL C 215 23.45 2.11 -13.19
C VAL C 215 22.94 1.43 -14.46
N ASP C 216 21.63 1.15 -14.50
CA ASP C 216 20.98 0.62 -15.69
C ASP C 216 20.86 1.74 -16.72
N THR C 217 21.51 1.58 -17.87
CA THR C 217 21.45 2.56 -18.97
C THR C 217 20.74 2.03 -20.23
N ARG C 218 20.07 0.88 -20.09
CA ARG C 218 19.29 0.31 -21.19
C ARG C 218 18.16 1.26 -21.56
N ILE C 219 18.15 1.64 -22.84
CA ILE C 219 17.11 2.51 -23.38
C ILE C 219 16.11 1.59 -24.08
N ARG C 220 14.91 1.51 -23.51
CA ARG C 220 13.90 0.55 -23.96
C ARG C 220 12.53 1.23 -24.10
N PRO C 221 12.35 2.05 -25.15
CA PRO C 221 11.11 2.82 -25.29
C PRO C 221 9.92 1.91 -25.59
N ARG C 222 8.78 2.18 -24.98
CA ARG C 222 7.54 1.47 -25.31
C ARG C 222 6.95 1.99 -26.63
N MET C 223 7.56 3.05 -27.17
CA MET C 223 7.17 3.62 -28.48
C MET C 223 5.73 4.12 -28.53
N GLY C 224 5.24 4.64 -27.40
CA GLY C 224 3.96 5.33 -27.37
C GLY C 224 2.77 4.47 -26.97
N MET C 225 3.02 3.20 -26.63
CA MET C 225 1.97 2.28 -26.17
C MET C 225 2.35 1.67 -24.82
N ARG C 226 1.72 2.16 -23.76
CA ARG C 226 2.00 1.70 -22.39
C ARG C 226 1.80 0.19 -22.21
N GLY C 227 0.78 -0.36 -22.85
CA GLY C 227 0.36 -1.75 -22.68
C GLY C 227 1.34 -2.83 -23.09
N VAL C 228 2.45 -2.48 -23.77
CA VAL C 228 3.45 -3.52 -24.09
C VAL C 228 4.07 -4.09 -22.80
N SER C 229 4.13 -3.26 -21.75
CA SER C 229 4.64 -3.67 -20.43
C SER C 229 4.23 -2.65 -19.36
N THR C 230 3.35 -3.08 -18.45
CA THR C 230 2.84 -2.17 -17.42
C THR C 230 2.28 -2.91 -16.21
N ASN C 231 2.38 -2.27 -15.05
CA ASN C 231 1.66 -2.74 -13.86
C ASN C 231 0.23 -2.20 -13.87
N GLY C 232 -0.57 -2.61 -12.88
CA GLY C 232 -1.92 -2.08 -12.71
C GLY C 232 -3.05 -2.93 -13.25
N GLY C 233 -2.73 -4.08 -13.84
CA GLY C 233 -3.75 -4.99 -14.37
C GLY C 233 -3.17 -6.09 -15.22
N ASN C 234 -3.29 -5.96 -16.53
CA ASN C 234 -2.62 -6.88 -17.45
C ASN C 234 -1.99 -6.15 -18.63
N ASP C 235 -1.07 -6.84 -19.29
CA ASP C 235 -0.39 -6.28 -20.44
C ASP C 235 -0.15 -7.38 -21.48
N ALA C 236 0.65 -7.05 -22.49
CA ALA C 236 0.95 -7.97 -23.57
C ALA C 236 1.81 -9.18 -23.13
N GLY C 237 2.30 -9.11 -21.89
CA GLY C 237 3.07 -10.19 -21.28
C GLY C 237 4.24 -10.67 -22.12
N SER C 238 4.28 -11.97 -22.39
CA SER C 238 5.36 -12.58 -23.15
C SER C 238 5.37 -12.18 -24.64
N ASN C 239 4.28 -11.60 -25.12
CA ASN C 239 4.25 -11.06 -26.48
C ASN C 239 4.44 -9.54 -26.59
N GLY C 240 4.82 -8.88 -25.50
CA GLY C 240 5.12 -7.45 -25.55
C GLY C 240 6.55 -7.16 -25.98
N ASN C 241 6.70 -6.35 -27.02
CA ASN C 241 8.03 -5.95 -27.52
C ASN C 241 8.45 -4.62 -26.93
N ARG C 242 9.30 -4.66 -25.92
CA ARG C 242 9.92 -3.46 -25.41
C ARG C 242 11.38 -3.52 -25.88
N GLY C 243 11.63 -3.02 -27.09
CA GLY C 243 12.91 -3.24 -27.77
C GLY C 243 14.06 -2.43 -27.22
N LEU C 244 15.25 -3.03 -27.20
CA LEU C 244 16.45 -2.38 -26.67
C LEU C 244 17.10 -1.53 -27.78
N PHE C 245 17.00 -0.21 -27.63
CA PHE C 245 17.60 0.73 -28.59
C PHE C 245 19.11 0.85 -28.39
N GLY C 246 19.56 0.67 -27.15
CA GLY C 246 20.99 0.76 -26.81
C GLY C 246 21.18 0.85 -25.31
N GLY C 247 22.44 0.91 -24.89
CA GLY C 247 22.76 1.00 -23.46
C GLY C 247 22.98 -0.36 -22.83
N SER C 248 23.29 -0.36 -21.53
CA SER C 248 23.74 -1.57 -20.86
C SER C 248 23.03 -1.84 -19.54
N SER C 249 23.10 -3.08 -19.09
CA SER C 249 22.69 -3.46 -17.75
C SER C 249 23.61 -2.81 -16.71
N ALA C 250 23.16 -2.81 -15.45
CA ALA C 250 23.87 -2.13 -14.36
C ALA C 250 25.16 -2.84 -13.94
N VAL C 251 26.18 -2.68 -14.77
CA VAL C 251 27.51 -3.20 -14.47
C VAL C 251 28.38 -2.03 -14.01
N GLU C 252 29.03 -2.22 -12.86
CA GLU C 252 29.85 -1.17 -12.25
C GLU C 252 31.06 -0.82 -13.10
N GLY C 253 31.28 0.49 -13.25
CA GLY C 253 32.49 1.01 -13.89
C GLY C 253 32.47 1.14 -15.40
N LEU C 254 31.29 1.03 -16.01
CA LEU C 254 31.15 1.18 -17.47
C LEU C 254 31.21 2.63 -17.94
N TRP C 255 30.82 3.56 -17.07
CA TRP C 255 30.62 4.96 -17.45
C TRP C 255 31.35 5.95 -16.56
N LYS C 256 31.64 7.11 -17.13
CA LYS C 256 32.28 8.23 -16.45
C LYS C 256 31.20 9.16 -15.89
N ASP C 257 30.37 9.68 -16.79
CA ASP C 257 29.27 10.57 -16.41
C ASP C 257 28.15 10.59 -17.45
N ASP C 258 27.09 11.33 -17.15
CA ASP C 258 25.87 11.35 -17.92
C ASP C 258 25.35 12.79 -17.89
N SER C 259 25.13 13.38 -19.07
CA SER C 259 24.69 14.79 -19.19
C SER C 259 23.59 14.95 -20.21
N VAL C 260 22.57 15.74 -19.86
CA VAL C 260 21.47 16.01 -20.77
C VAL C 260 21.17 17.51 -20.83
N TRP C 261 21.04 18.03 -22.04
CA TRP C 261 20.58 19.39 -22.29
C TRP C 261 19.22 19.32 -22.95
N GLY C 262 18.35 20.25 -22.59
CA GLY C 262 17.01 20.30 -23.15
C GLY C 262 16.60 21.72 -23.48
N LEU C 263 15.94 21.87 -24.63
CA LEU C 263 15.39 23.16 -25.05
C LEU C 263 13.91 22.94 -25.34
N GLU C 264 13.07 23.86 -24.89
CA GLU C 264 11.62 23.72 -25.06
C GLU C 264 10.91 25.03 -25.41
N GLY C 265 9.77 24.90 -26.08
CA GLY C 265 8.97 26.04 -26.45
C GLY C 265 7.50 25.71 -26.35
N ALA C 266 6.70 26.72 -26.02
CA ALA C 266 5.25 26.58 -26.06
C ALA C 266 4.59 27.91 -26.42
N TRP C 267 3.52 27.82 -27.18
CA TRP C 267 2.74 28.98 -27.58
C TRP C 267 1.27 28.61 -27.46
N ALA C 268 0.53 29.40 -26.67
CA ALA C 268 -0.91 29.21 -26.58
C ALA C 268 -1.64 30.49 -26.96
N LEU C 269 -2.64 30.35 -27.82
CA LEU C 269 -3.52 31.46 -28.18
C LEU C 269 -4.95 30.94 -28.18
N GLY C 270 -5.71 31.35 -27.18
CA GLY C 270 -7.07 30.86 -26.98
C GLY C 270 -7.10 29.35 -26.86
N ALA C 271 -7.93 28.73 -27.69
CA ALA C 271 -8.16 27.29 -27.68
C ALA C 271 -7.02 26.50 -28.31
N PHE C 272 -6.11 27.19 -28.99
CA PHE C 272 -4.96 26.56 -29.65
C PHE C 272 -3.70 26.60 -28.79
N SER C 273 -2.95 25.51 -28.83
CA SER C 273 -1.61 25.48 -28.25
C SER C 273 -0.66 24.60 -29.08
N ALA C 274 0.60 25.02 -29.10
CA ALA C 274 1.68 24.23 -29.68
C ALA C 274 2.79 24.14 -28.65
N GLN C 275 3.38 22.96 -28.51
CA GLN C 275 4.52 22.77 -27.63
C GLN C 275 5.50 21.76 -28.19
N ALA C 276 6.77 21.95 -27.84
CA ALA C 276 7.85 21.13 -28.37
C ALA C 276 9.02 21.10 -27.41
N GLU C 277 9.65 19.94 -27.28
CA GLU C 277 10.84 19.81 -26.45
C GLU C 277 11.88 19.04 -27.24
N TYR C 278 13.13 19.49 -27.14
CA TYR C 278 14.24 18.78 -27.75
C TYR C 278 15.26 18.47 -26.66
N LEU C 279 15.86 17.28 -26.69
CA LEU C 279 16.93 16.96 -25.76
C LEU C 279 18.08 16.21 -26.42
N ARG C 280 19.26 16.35 -25.82
CA ARG C 280 20.47 15.65 -26.23
C ARG C 280 21.14 15.10 -25.00
N ARG C 281 21.54 13.84 -25.08
CA ARG C 281 22.17 13.15 -23.97
C ARG C 281 23.49 12.53 -24.39
N THR C 282 24.51 12.65 -23.54
CA THR C 282 25.75 11.90 -23.70
C THR C 282 26.14 11.19 -22.42
N VAL C 283 26.30 9.87 -22.51
CA VAL C 283 26.86 9.11 -21.41
C VAL C 283 28.30 8.80 -21.81
N LYS C 284 29.25 9.43 -21.12
CA LYS C 284 30.67 9.25 -21.42
C LYS C 284 31.14 7.90 -20.92
N ALA C 285 31.72 7.12 -21.82
CA ALA C 285 32.16 5.77 -21.48
C ALA C 285 33.49 5.79 -20.75
N GLU C 286 33.71 4.75 -19.95
CA GLU C 286 35.00 4.54 -19.33
C GLU C 286 35.88 3.73 -20.28
N ARG C 287 37.19 3.88 -20.11
CA ARG C 287 38.23 3.03 -20.70
C ARG C 287 37.83 2.14 -21.89
N ASP C 288 38.20 2.59 -23.10
CA ASP C 288 38.10 1.80 -24.34
C ASP C 288 36.69 1.61 -24.92
N ARG C 289 35.67 1.73 -24.08
CA ARG C 289 34.28 1.63 -24.53
C ARG C 289 33.83 2.86 -25.31
N GLU C 290 32.72 2.73 -26.04
CA GLU C 290 32.14 3.83 -26.81
C GLU C 290 31.05 4.54 -26.00
N ASP C 291 30.90 5.84 -26.22
CA ASP C 291 29.87 6.62 -25.52
C ASP C 291 28.46 6.19 -25.95
N LEU C 292 27.49 6.39 -25.05
CA LEU C 292 26.09 6.23 -25.40
C LEU C 292 25.51 7.62 -25.64
N LYS C 293 24.99 7.85 -26.84
CA LYS C 293 24.41 9.13 -27.21
C LYS C 293 22.96 8.95 -27.63
N ALA C 294 22.11 9.89 -27.22
CA ALA C 294 20.69 9.83 -27.53
C ALA C 294 20.14 11.24 -27.71
N SER C 295 19.31 11.43 -28.72
CA SER C 295 18.65 12.70 -28.93
C SER C 295 17.25 12.53 -29.49
N GLY C 296 16.42 13.54 -29.32
CA GLY C 296 15.08 13.48 -29.84
C GLY C 296 14.28 14.72 -29.57
N TYR C 297 13.07 14.72 -30.10
CA TYR C 297 12.14 15.80 -29.89
C TYR C 297 10.72 15.31 -30.11
N TYR C 298 9.77 16.10 -29.63
CA TYR C 298 8.38 15.92 -29.99
C TYR C 298 7.82 17.30 -30.30
N ALA C 299 6.76 17.32 -31.10
CA ALA C 299 5.98 18.54 -31.27
C ALA C 299 4.50 18.19 -31.16
N GLN C 300 3.76 18.98 -30.38
CA GLN C 300 2.35 18.73 -30.17
C GLN C 300 1.50 19.94 -30.49
N LEU C 301 0.42 19.70 -31.22
CA LEU C 301 -0.58 20.74 -31.40
C LEU C 301 -1.88 20.26 -30.79
N ALA C 302 -2.61 21.17 -30.16
CA ALA C 302 -3.85 20.85 -29.47
C ALA C 302 -4.87 21.95 -29.69
N TYR C 303 -6.14 21.56 -29.75
CA TYR C 303 -7.21 22.49 -29.99
C TYR C 303 -8.47 22.05 -29.27
N THR C 304 -8.97 22.90 -28.38
CA THR C 304 -10.25 22.66 -27.72
C THR C 304 -11.37 23.11 -28.64
N LEU C 305 -12.12 22.15 -29.17
CA LEU C 305 -13.20 22.43 -30.11
C LEU C 305 -14.30 23.30 -29.49
N THR C 306 -14.47 23.16 -28.17
CA THR C 306 -15.49 23.89 -27.43
C THR C 306 -15.03 25.28 -26.94
N GLY C 307 -13.74 25.59 -27.14
CA GLY C 307 -13.25 26.97 -26.97
C GLY C 307 -12.40 27.27 -25.76
N GLU C 308 -12.42 26.39 -24.76
CA GLU C 308 -11.73 26.63 -23.49
C GLU C 308 -10.22 26.49 -23.61
N PRO C 309 -9.47 27.46 -23.04
CA PRO C 309 -8.01 27.33 -23.02
C PRO C 309 -7.51 26.31 -22.00
N ARG C 310 -6.36 25.71 -22.28
CA ARG C 310 -5.60 24.96 -21.30
C ARG C 310 -5.09 25.94 -20.25
N LEU C 311 -5.24 25.59 -18.98
CA LEU C 311 -4.65 26.38 -17.91
C LEU C 311 -3.13 26.37 -18.01
N TYR C 312 -2.49 27.49 -17.68
CA TYR C 312 -1.04 27.56 -17.59
C TYR C 312 -0.62 28.19 -16.27
N LYS C 313 0.43 27.64 -15.68
CA LYS C 313 0.94 28.13 -14.40
C LYS C 313 2.40 28.50 -14.53
N LEU C 314 2.70 29.79 -14.35
CA LEU C 314 4.08 30.29 -14.33
C LEU C 314 4.90 29.65 -13.19
N ASP C 315 4.27 29.46 -12.03
CA ASP C 315 4.90 28.73 -10.93
C ASP C 315 4.92 27.23 -11.26
N GLY C 316 6.08 26.75 -11.71
CA GLY C 316 6.21 25.40 -12.25
C GLY C 316 6.43 25.39 -13.76
N ALA C 317 6.05 26.50 -14.41
CA ALA C 317 6.10 26.67 -15.87
C ALA C 317 5.54 25.46 -16.59
N LYS C 318 4.22 25.28 -16.45
CA LYS C 318 3.56 24.06 -16.83
C LYS C 318 2.14 24.34 -17.28
N PHE C 319 1.63 23.51 -18.18
CA PHE C 319 0.21 23.54 -18.47
C PHE C 319 -0.54 22.74 -17.41
N ASP C 320 -1.86 22.86 -17.43
CA ASP C 320 -2.71 22.21 -16.45
C ASP C 320 -4.05 21.88 -17.13
N THR C 321 -5.14 22.02 -16.39
CA THR C 321 -6.44 21.49 -16.79
C THR C 321 -7.19 22.34 -17.82
N ILE C 322 -8.29 21.77 -18.32
CA ILE C 322 -9.30 22.49 -19.07
C ILE C 322 -10.60 22.39 -18.25
N LYS C 323 -11.16 23.56 -17.92
CA LYS C 323 -12.43 23.62 -17.19
C LYS C 323 -13.60 23.82 -18.16
N PRO C 324 -14.47 22.80 -18.30
CA PRO C 324 -15.56 22.89 -19.26
C PRO C 324 -16.52 24.05 -18.96
N GLU C 325 -16.94 24.75 -20.00
CA GLU C 325 -17.91 25.85 -19.85
C GLU C 325 -19.36 25.36 -19.92
N ASN C 326 -19.63 24.40 -20.80
CA ASN C 326 -20.95 23.83 -20.97
C ASN C 326 -21.13 22.64 -20.05
N LYS C 327 -22.03 22.78 -19.07
CA LYS C 327 -22.18 21.77 -18.02
C LYS C 327 -22.83 20.46 -18.49
N GLU C 328 -23.55 20.51 -19.61
CA GLU C 328 -24.13 19.30 -20.19
C GLU C 328 -23.17 18.66 -21.19
N ILE C 329 -22.75 19.43 -22.19
CA ILE C 329 -21.86 18.98 -23.27
C ILE C 329 -20.45 18.60 -22.77
N GLY C 330 -19.90 19.42 -21.88
CA GLY C 330 -18.51 19.27 -21.46
C GLY C 330 -17.55 19.91 -22.47
N ALA C 331 -16.25 19.63 -22.33
CA ALA C 331 -15.28 20.19 -23.27
C ALA C 331 -14.70 19.10 -24.17
N TRP C 332 -14.50 19.43 -25.44
CA TRP C 332 -13.92 18.52 -26.41
C TRP C 332 -12.61 19.06 -26.97
N GLU C 333 -11.59 18.22 -26.94
CA GLU C 333 -10.24 18.61 -27.31
C GLU C 333 -9.66 17.60 -28.32
N LEU C 334 -9.09 18.11 -29.40
CA LEU C 334 -8.35 17.29 -30.35
C LEU C 334 -6.87 17.62 -30.23
N PHE C 335 -6.02 16.62 -30.45
CA PHE C 335 -4.58 16.84 -30.45
C PHE C 335 -3.84 15.92 -31.41
N TYR C 336 -2.66 16.37 -31.82
CA TYR C 336 -1.75 15.56 -32.60
C TYR C 336 -0.35 15.76 -32.04
N ARG C 337 0.41 14.68 -31.90
CA ARG C 337 1.81 14.77 -31.50
C ARG C 337 2.70 13.94 -32.40
N TYR C 338 3.82 14.52 -32.80
CA TYR C 338 4.88 13.81 -33.50
C TYR C 338 6.08 13.66 -32.56
N ASP C 339 6.62 12.44 -32.48
CA ASP C 339 7.78 12.13 -31.67
C ASP C 339 8.86 11.51 -32.52
N SER C 340 10.11 11.83 -32.23
CA SER C 340 11.24 11.32 -33.01
C SER C 340 12.48 11.18 -32.13
N ILE C 341 13.02 9.97 -32.06
CA ILE C 341 14.22 9.70 -31.25
C ILE C 341 15.31 8.97 -32.03
N LYS C 342 16.54 9.16 -31.58
CA LYS C 342 17.70 8.51 -32.15
C LYS C 342 18.63 8.08 -31.01
N VAL C 343 19.11 6.85 -31.07
CA VAL C 343 20.04 6.31 -30.07
C VAL C 343 21.29 5.79 -30.77
N GLU C 344 22.44 6.33 -30.39
CA GLU C 344 23.74 5.91 -30.93
C GLU C 344 24.52 5.12 -29.88
N ASP C 345 24.73 3.83 -30.15
CA ASP C 345 25.52 2.97 -29.28
C ASP C 345 26.46 2.13 -30.13
N ASP C 346 27.65 2.68 -30.39
CA ASP C 346 28.63 2.03 -31.26
C ASP C 346 29.34 0.85 -30.58
N ASN C 347 28.95 0.58 -29.34
CA ASN C 347 29.33 -0.68 -28.68
C ASN C 347 28.64 -1.88 -29.34
N ILE C 348 27.54 -1.61 -30.03
CA ILE C 348 26.85 -2.62 -30.82
C ILE C 348 27.55 -2.77 -32.19
N VAL C 349 28.24 -3.89 -32.35
CA VAL C 349 29.12 -4.11 -33.52
C VAL C 349 28.70 -5.28 -34.41
N VAL C 350 27.76 -6.10 -33.94
CA VAL C 350 27.25 -7.22 -34.74
C VAL C 350 25.72 -7.14 -34.86
N ASP C 351 25.21 -7.44 -36.05
CA ASP C 351 23.76 -7.51 -36.30
C ASP C 351 23.10 -8.66 -35.55
N SER C 352 21.83 -8.49 -35.21
CA SER C 352 21.01 -9.60 -34.72
C SER C 352 19.67 -9.61 -35.48
N ALA C 353 18.80 -10.55 -35.11
CA ALA C 353 17.50 -10.69 -35.76
C ALA C 353 16.58 -9.49 -35.52
N THR C 354 16.82 -8.76 -34.43
CA THR C 354 16.00 -7.60 -34.07
C THR C 354 16.77 -6.27 -34.03
N ARG C 355 18.10 -6.32 -34.15
CA ARG C 355 18.91 -5.10 -34.05
C ARG C 355 20.05 -5.08 -35.07
N GLU C 356 20.04 -4.06 -35.91
CA GLU C 356 21.05 -3.87 -36.95
C GLU C 356 22.05 -2.82 -36.50
N VAL C 357 23.32 -3.02 -36.82
CA VAL C 357 24.38 -2.08 -36.43
C VAL C 357 24.13 -0.68 -37.01
N GLY C 358 24.24 0.32 -36.15
CA GLY C 358 23.98 1.71 -36.51
C GLY C 358 23.00 2.32 -35.53
N ASP C 359 22.60 3.56 -35.79
CA ASP C 359 21.69 4.28 -34.90
C ASP C 359 20.28 3.69 -34.93
N ALA C 360 19.77 3.32 -33.76
CA ALA C 360 18.37 2.94 -33.62
C ALA C 360 17.51 4.20 -33.62
N LYS C 361 16.47 4.19 -34.43
CA LYS C 361 15.56 5.33 -34.53
C LYS C 361 14.13 4.91 -34.31
N GLY C 362 13.34 5.82 -33.75
CA GLY C 362 11.92 5.58 -33.51
C GLY C 362 11.15 6.86 -33.73
N LYS C 363 10.00 6.75 -34.38
CA LYS C 363 9.11 7.90 -34.54
C LYS C 363 7.66 7.47 -34.41
N THR C 364 6.85 8.37 -33.87
CA THR C 364 5.43 8.08 -33.68
C THR C 364 4.56 9.24 -34.13
N HIS C 365 3.39 8.88 -34.63
CA HIS C 365 2.31 9.82 -34.84
C HIS C 365 1.23 9.44 -33.84
N THR C 366 0.76 10.42 -33.09
CA THR C 366 -0.33 10.22 -32.12
C THR C 366 -1.46 11.18 -32.45
N LEU C 367 -2.64 10.63 -32.68
CA LEU C 367 -3.84 11.44 -32.92
C LEU C 367 -4.87 11.05 -31.87
N GLY C 368 -5.49 12.05 -31.23
CA GLY C 368 -6.40 11.78 -30.13
C GLY C 368 -7.49 12.80 -29.87
N VAL C 369 -8.44 12.38 -29.03
CA VAL C 369 -9.55 13.21 -28.57
C VAL C 369 -9.70 13.05 -27.05
N ASN C 370 -9.89 14.17 -26.36
CA ASN C 370 -10.22 14.18 -24.94
C ASN C 370 -11.60 14.76 -24.78
N TRP C 371 -12.47 14.04 -24.07
CA TRP C 371 -13.73 14.60 -23.63
C TRP C 371 -13.70 14.85 -22.13
N TYR C 372 -13.70 16.12 -21.76
CA TYR C 372 -13.78 16.51 -20.36
C TYR C 372 -15.28 16.64 -20.07
N ALA C 373 -15.88 15.59 -19.50
CA ALA C 373 -17.32 15.58 -19.18
C ALA C 373 -17.65 16.69 -18.18
N ASN C 374 -16.69 16.91 -17.29
CA ASN C 374 -16.75 17.88 -16.21
C ASN C 374 -15.33 17.95 -15.63
N GLU C 375 -15.16 18.67 -14.52
CA GLU C 375 -13.83 18.77 -13.90
C GLU C 375 -13.34 17.50 -13.18
N ALA C 376 -14.22 16.51 -13.00
CA ALA C 376 -13.82 15.25 -12.37
C ALA C 376 -13.47 14.16 -13.39
N VAL C 377 -14.21 14.13 -14.50
CA VAL C 377 -14.16 13.00 -15.43
C VAL C 377 -13.68 13.38 -16.82
N LYS C 378 -12.71 12.60 -17.32
CA LYS C 378 -12.16 12.80 -18.66
C LYS C 378 -12.11 11.45 -19.37
N VAL C 379 -12.70 11.38 -20.55
CA VAL C 379 -12.65 10.17 -21.40
C VAL C 379 -11.82 10.47 -22.64
N SER C 380 -10.89 9.57 -22.96
CA SER C 380 -9.89 9.83 -24.00
C SER C 380 -9.64 8.61 -24.89
N ALA C 381 -9.19 8.88 -26.11
CA ALA C 381 -8.78 7.85 -27.06
C ALA C 381 -7.63 8.39 -27.90
N ASN C 382 -6.60 7.55 -28.07
CA ASN C 382 -5.42 7.87 -28.87
C ASN C 382 -5.17 6.78 -29.88
N TYR C 383 -4.96 7.18 -31.15
CA TYR C 383 -4.43 6.29 -32.18
C TYR C 383 -2.94 6.57 -32.29
N VAL C 384 -2.15 5.51 -32.28
CA VAL C 384 -0.70 5.64 -32.39
C VAL C 384 -0.17 4.81 -33.55
N LYS C 385 0.73 5.40 -34.34
CA LYS C 385 1.46 4.68 -35.39
C LYS C 385 2.94 4.86 -35.13
N ALA C 386 3.65 3.74 -35.01
CA ALA C 386 5.08 3.74 -34.75
C ALA C 386 5.86 3.27 -35.98
N LYS C 387 7.03 3.86 -36.19
CA LYS C 387 7.96 3.40 -37.23
C LYS C 387 9.38 3.43 -36.68
N THR C 388 10.09 2.31 -36.80
CA THR C 388 11.46 2.21 -36.29
C THR C 388 12.47 1.98 -37.42
N ASP C 389 13.74 2.18 -37.10
CA ASP C 389 14.83 1.95 -38.03
C ASP C 389 15.96 1.26 -37.28
N LYS C 390 16.45 0.16 -37.86
CA LYS C 390 17.54 -0.67 -37.32
C LYS C 390 17.18 -1.43 -36.05
N ILE C 391 15.89 -1.46 -35.74
CA ILE C 391 15.34 -2.28 -34.66
C ILE C 391 13.94 -2.75 -35.08
N SER C 392 13.61 -3.98 -34.74
CA SER C 392 12.34 -4.56 -35.11
C SER C 392 11.91 -5.51 -34.02
N ASN C 393 10.70 -6.07 -34.14
CA ASN C 393 10.34 -7.23 -33.33
C ASN C 393 10.95 -8.51 -33.94
N ALA C 394 10.70 -9.65 -33.27
CA ALA C 394 11.20 -10.95 -33.72
C ALA C 394 10.60 -11.34 -35.08
N ASN C 395 9.43 -10.78 -35.40
CA ASN C 395 8.77 -11.04 -36.67
C ASN C 395 9.33 -10.20 -37.82
N GLY C 396 10.21 -9.25 -37.50
CA GLY C 396 10.82 -8.39 -38.51
C GLY C 396 10.05 -7.11 -38.83
N ASP C 397 9.00 -6.82 -38.05
CA ASP C 397 8.19 -5.61 -38.22
C ASP C 397 8.92 -4.37 -37.68
N ASP C 398 8.99 -3.31 -38.50
CA ASP C 398 9.52 -2.03 -38.04
C ASP C 398 8.42 -0.96 -37.97
N SER C 399 7.17 -1.40 -38.03
CA SER C 399 6.02 -0.52 -37.81
C SER C 399 4.93 -1.22 -37.01
N GLY C 400 4.17 -0.42 -36.26
CA GLY C 400 3.07 -0.93 -35.44
C GLY C 400 1.98 0.10 -35.27
N ASP C 401 0.78 -0.38 -34.94
CA ASP C 401 -0.37 0.47 -34.72
C ASP C 401 -0.97 0.14 -33.36
N GLY C 402 -1.55 1.15 -32.72
CA GLY C 402 -2.23 0.96 -31.46
C GLY C 402 -3.41 1.88 -31.32
N LEU C 403 -4.41 1.43 -30.57
CA LEU C 403 -5.53 2.26 -30.15
C LEU C 403 -5.74 2.07 -28.65
N VAL C 404 -5.65 3.16 -27.89
CA VAL C 404 -5.85 3.09 -26.46
C VAL C 404 -6.95 4.07 -26.04
N MET C 405 -7.77 3.63 -25.10
CA MET C 405 -8.78 4.48 -24.49
C MET C 405 -8.57 4.57 -22.99
N ARG C 406 -8.96 5.71 -22.41
CA ARG C 406 -8.85 5.91 -20.98
C ARG C 406 -10.11 6.53 -20.41
N LEU C 407 -10.50 6.02 -19.25
CA LEU C 407 -11.48 6.67 -18.37
C LEU C 407 -10.71 7.20 -17.15
N GLN C 408 -10.80 8.52 -16.94
CA GLN C 408 -10.14 9.15 -15.80
C GLN C 408 -11.14 9.82 -14.87
N TYR C 409 -10.97 9.56 -13.58
CA TYR C 409 -11.74 10.22 -12.54
C TYR C 409 -10.75 10.86 -11.57
N VAL C 410 -10.88 12.16 -11.37
CA VAL C 410 -10.08 12.86 -10.38
C VAL C 410 -10.96 13.44 -9.27
N PHE C 411 -10.43 13.44 -8.06
CA PHE C 411 -11.14 14.00 -6.91
C PHE C 411 -10.17 14.70 -5.97
CA CA D . 0.28 -20.31 12.76
P PO4 E . -16.26 -7.45 -0.56
O1 PO4 E . -15.85 -6.48 -1.64
O2 PO4 E . -16.81 -8.73 -1.15
O3 PO4 E . -15.06 -7.80 0.29
O4 PO4 E . -17.34 -6.76 0.25
CL CL F . -0.19 -0.04 0.15
C1 C8E G . -5.82 -27.36 24.20
C2 C8E G . -5.45 -25.89 24.40
C3 C8E G . -5.26 -25.17 23.07
C4 C8E G . -5.05 -23.67 23.26
C5 C8E G . -3.57 -23.31 23.19
C6 C8E G . -3.37 -21.82 22.92
C7 C8E G . -2.88 -21.09 24.17
C8 C8E G . -2.36 -19.70 23.85
O9 C8E G . -3.42 -18.85 23.51
C10 C8E G . -2.99 -17.71 22.80
C11 C8E G . -4.08 -17.18 21.88
O12 C8E G . -3.58 -16.13 21.08
C13 C8E G . -4.56 -15.16 20.82
C14 C8E G . -4.30 -14.51 19.47
O15 C8E G . -5.46 -13.86 19.01
C16 C8E G . -5.16 -12.73 18.22
C17 C8E G . -6.35 -12.36 17.35
O18 C8E G . -7.17 -11.41 18.00
C19 C8E G . -8.50 -11.44 17.50
C20 C8E G . -9.47 -12.02 18.53
O21 C8E G . -10.54 -12.69 17.89
C1 C8E H . -14.78 4.18 -21.61
C2 C8E H . -13.28 3.98 -21.79
C3 C8E H . -12.90 2.51 -21.71
C4 C8E H . -11.85 2.26 -20.63
C5 C8E H . -12.49 1.63 -19.40
C6 C8E H . -11.53 0.67 -18.71
C7 C8E H . -12.10 -0.74 -18.67
C8 C8E H . -11.26 -1.70 -19.52
O9 C8E H . -12.02 -2.85 -19.77
C10 C8E H . -11.67 -3.49 -20.99
C11 C8E H . -12.95 -3.91 -21.71
O12 C8E H . -12.77 -5.18 -22.30
C13 C8E H . -13.85 -5.51 -23.14
C14 C8E H . -13.35 -6.01 -24.49
O15 C8E H . -14.06 -7.19 -24.84
C16 C8E H . -14.11 -7.40 -26.23
C17 C8E H . -15.51 -7.87 -26.63
O18 C8E H . -16.47 -6.89 -26.29
C19 C8E H . -17.79 -7.38 -26.48
C20 C8E H . -18.76 -6.64 -25.55
O21 C8E H . -20.04 -7.23 -25.62
C1 C8E I . -38.65 -19.44 -2.34
C2 C8E I . -37.32 -19.23 -3.05
C3 C8E I . -37.16 -20.21 -4.22
C4 C8E I . -35.86 -20.97 -4.07
C5 C8E I . -35.52 -21.76 -5.34
C6 C8E I . -34.02 -21.97 -5.46
C7 C8E I . -33.66 -23.43 -5.77
C8 C8E I . -32.18 -23.55 -6.11
O9 C8E I . -31.44 -23.80 -4.94
C10 C8E I . -30.17 -24.33 -5.23
C11 C8E I . -29.85 -25.47 -4.28
O12 C8E I . -29.99 -26.69 -4.96
C13 C8E I . -29.67 -27.79 -4.13
C14 C8E I . -29.93 -29.09 -4.89
O15 C8E I . -29.25 -30.16 -4.26
C16 C8E I . -30.07 -31.28 -4.02
C17 C8E I . -30.06 -31.63 -2.52
O18 C8E I . -30.09 -33.03 -2.36
C19 C8E I . -30.58 -33.39 -1.08
C20 C8E I . -31.58 -34.55 -1.23
O21 C8E I . -31.99 -34.98 0.04
C1 GOL J . -17.43 0.29 0.16
O1 GOL J . -17.45 -0.26 -1.12
C2 GOL J . -18.87 0.46 0.66
O2 GOL J . -19.04 1.78 1.11
C3 GOL J . -19.12 -0.52 1.79
O3 GOL J . -20.35 -0.25 2.42
CA CA K . 23.38 5.06 -0.73
P PO4 L . 5.60 3.92 16.62
O1 PO4 L . 6.56 3.26 17.60
O2 PO4 L . 6.23 3.96 15.25
O3 PO4 L . 4.31 3.14 16.54
O4 PO4 L . 5.24 5.31 17.14
CA CA M . -3.34 -8.67 -22.12
P PO4 N . 2.39 13.13 -11.85
O1 PO4 N . 2.99 13.33 -10.49
O2 PO4 N . 3.44 13.37 -12.92
O3 PO4 N . 1.87 11.72 -12.00
O4 PO4 N . 1.27 14.15 -12.00
C1 C8E O . 26.54 15.96 -2.32
C2 C8E O . 25.24 16.56 -1.79
C3 C8E O . 24.13 15.51 -1.72
C4 C8E O . 22.94 15.97 -0.87
C5 C8E O . 21.70 15.12 -1.12
C6 C8E O . 20.70 15.28 0.01
C7 C8E O . 19.42 14.51 -0.25
C8 C8E O . 18.72 14.11 1.05
O9 C8E O . 17.46 14.77 1.15
C10 C8E O . 16.73 14.40 2.30
C11 C8E O . 16.15 15.62 3.00
O12 C8E O . 16.52 15.65 4.38
C13 C8E O . 17.34 16.75 4.72
C14 C8E O . 17.05 17.21 6.15
O15 C8E O . 17.29 18.61 6.29
C16 C8E O . 16.10 19.34 6.51
C17 C8E O . 16.37 20.85 6.59
O18 C8E O . 15.16 21.57 6.61
C19 C8E O . 15.32 22.95 6.93
C20 C8E O . 14.17 23.75 6.33
O21 C8E O . 14.23 25.10 6.77
C1 GOL P . -2.66 17.43 -7.65
O1 GOL P . -3.59 18.41 -8.07
C2 GOL P . -2.19 17.75 -6.24
O2 GOL P . -3.30 18.14 -5.47
C3 GOL P . -1.59 16.50 -5.61
O3 GOL P . -0.20 16.47 -5.88
#